data_6WXC
#
_entry.id   6WXC
#
_cell.length_a   150.863
_cell.length_b   150.863
_cell.length_c   111.703
_cell.angle_alpha   90.000
_cell.angle_beta   90.000
_cell.angle_gamma   120.000
#
_symmetry.space_group_name_H-M   'P 63'
#
loop_
_entity.id
_entity.type
_entity.pdbx_description
1 polymer 'Uridylate-specific endoribonuclease'
2 non-polymer '5-CHLORO-6-(1-(2-IMINOPYRROLIDINYL) METHYL) URACIL'
3 non-polymer 'PHOSPHATE ION'
4 non-polymer 1,2-ETHANEDIOL
5 non-polymer 'FORMIC ACID'
6 water water
#
_entity_poly.entity_id   1
_entity_poly.type   'polypeptide(L)'
_entity_poly.pdbx_seq_one_letter_code
;MHHHHHHSSGVDLGTENLYFQSNMSLENVAFNVVNKGHFDGQQGEVPVSIINNTVYTKVDGVDVELFENKTTLPVNVAFE
LWAKRNIKPVPEVKILNNLGVDIAANTVIWDYKRDAPAHISTIGVCSMTDIAKKPTETICAPLTVFFDGRVDGQVDLFRN
ARNGVLITEGSVKGLQPSVGPKQASLNGVTLIGEAVKTQFNYYKKVDGVVQQLPETYFTQSRNLQEFKPRSQMEIDFLEL
AMDEFIERYKLEGYAFEHIVYGDFSHSQLGGLHLLIGLAKRFKESPFELEDFIPMDSTVKNYFITDAQTGSSKCVCSVID
LLLDDFVEIIKSQDLSVVSKVVKVTIDYTEISFMLWCKDGHVETFYPKLQ
;
_entity_poly.pdbx_strand_id   A,B
#
# COMPACT_ATOMS: atom_id res chain seq x y z
N ASN A 23 -4.41 12.64 20.36
N ASN A 23 -2.24 11.52 12.50
CA ASN A 23 -3.24 12.48 21.21
CA ASN A 23 -2.09 10.42 13.42
C ASN A 23 -2.18 11.59 20.55
C ASN A 23 -1.96 10.88 14.83
N MET A 24 -2.49 11.08 19.37
N MET A 24 -1.73 9.94 15.74
CA MET A 24 -1.56 10.28 18.60
CA MET A 24 -1.55 10.38 17.11
C MET A 24 -0.31 11.10 18.25
C MET A 24 -0.24 11.14 17.25
N SER A 25 0.89 10.49 18.34
N SER A 25 0.90 10.46 17.42
CA SER A 25 2.15 11.23 18.10
CA SER A 25 2.09 11.17 17.90
C SER A 25 3.38 10.32 18.10
C SER A 25 3.33 10.27 18.01
N LEU A 26 4.32 10.54 17.18
CA LEU A 26 5.60 9.83 17.27
C LEU A 26 6.20 9.90 18.68
N GLU A 27 6.29 11.10 19.25
CA GLU A 27 6.91 11.25 20.57
C GLU A 27 6.12 10.52 21.65
N ASN A 28 4.78 10.45 21.53
CA ASN A 28 4.01 9.70 22.51
C ASN A 28 4.22 8.20 22.36
N VAL A 29 4.31 7.70 21.11
CA VAL A 29 4.65 6.28 20.90
C VAL A 29 5.98 5.96 21.57
N ALA A 30 6.98 6.83 21.37
CA ALA A 30 8.29 6.57 21.98
C ALA A 30 8.21 6.61 23.49
N PHE A 31 7.43 7.54 24.07
CA PHE A 31 7.30 7.56 25.51
C PHE A 31 6.76 6.23 26.03
N ASN A 32 5.75 5.67 25.35
CA ASN A 32 5.20 4.40 25.79
C ASN A 32 6.22 3.28 25.69
N VAL A 33 6.97 3.24 24.58
CA VAL A 33 8.00 2.21 24.46
C VAL A 33 8.97 2.30 25.63
N VAL A 34 9.51 3.51 25.88
CA VAL A 34 10.49 3.69 26.98
C VAL A 34 9.91 3.31 28.33
N ASN A 35 8.66 3.69 28.60
CA ASN A 35 8.15 3.58 29.95
C ASN A 35 7.34 2.33 30.20
N LYS A 36 6.77 1.73 29.16
CA LYS A 36 5.90 0.58 29.36
C LYS A 36 6.35 -0.62 28.56
N GLY A 37 7.39 -0.49 27.74
CA GLY A 37 7.85 -1.62 26.95
C GLY A 37 7.12 -1.86 25.65
N HIS A 38 6.07 -1.09 25.36
CA HIS A 38 5.25 -1.21 24.17
C HIS A 38 4.19 -0.11 24.27
N PHE A 39 3.35 0.04 23.22
CA PHE A 39 2.29 1.04 23.28
C PHE A 39 1.22 0.58 24.24
N ASP A 40 0.93 1.42 25.23
CA ASP A 40 -0.01 1.10 26.31
C ASP A 40 -1.02 2.24 26.50
N GLY A 41 -1.11 3.18 25.57
CA GLY A 41 -2.11 4.22 25.70
C GLY A 41 -1.85 5.26 26.76
N GLN A 42 -0.61 5.38 27.25
CA GLN A 42 -0.29 6.33 28.30
C GLN A 42 0.01 7.71 27.72
N GLN A 43 -0.31 8.75 28.48
CA GLN A 43 0.06 10.11 28.10
C GLN A 43 1.55 10.37 28.38
N GLY A 44 2.18 11.16 27.53
CA GLY A 44 3.55 11.58 27.76
C GLY A 44 4.28 11.73 26.44
N GLU A 45 5.49 12.29 26.52
CA GLU A 45 6.30 12.46 25.31
C GLU A 45 7.78 12.39 25.68
N VAL A 46 8.61 11.85 24.79
CA VAL A 46 10.07 11.97 24.91
C VAL A 46 10.63 12.53 23.60
N PRO A 47 11.85 13.08 23.64
CA PRO A 47 12.45 13.62 22.42
C PRO A 47 12.94 12.50 21.52
N VAL A 48 12.68 12.63 20.23
CA VAL A 48 12.98 11.57 19.26
C VAL A 48 13.81 12.12 18.12
N SER A 49 14.75 11.32 17.61
CA SER A 49 15.49 11.60 16.39
C SER A 49 15.22 10.45 15.45
N ILE A 50 15.05 10.76 14.18
CA ILE A 50 14.99 9.72 13.14
C ILE A 50 16.14 9.92 12.20
N ILE A 51 16.95 8.86 12.00
N ILE A 51 16.93 8.86 12.01
CA ILE A 51 18.11 8.93 11.12
CA ILE A 51 18.07 8.92 11.09
C ILE A 51 18.22 7.64 10.33
C ILE A 51 18.41 7.46 10.76
N ASN A 52 18.29 7.75 9.01
N ASN A 52 18.90 7.22 9.55
CA ASN A 52 18.22 6.57 8.12
CA ASN A 52 19.45 5.89 9.21
C ASN A 52 16.90 5.86 8.49
C ASN A 52 18.39 4.77 9.30
N ASN A 53 16.94 4.57 8.85
N ASN A 53 17.14 5.12 8.99
CA ASN A 53 15.78 3.78 9.22
CA ASN A 53 16.01 4.21 9.06
C ASN A 53 15.72 3.53 10.72
C ASN A 53 15.86 3.64 10.48
N THR A 54 16.28 4.42 11.52
CA THR A 54 16.37 4.08 12.93
C THR A 54 15.71 5.19 13.75
N VAL A 55 15.03 4.81 14.82
CA VAL A 55 14.42 5.75 15.75
C VAL A 55 15.27 5.80 17.00
N TYR A 56 15.65 7.00 17.43
CA TYR A 56 16.40 7.19 18.66
C TYR A 56 15.60 8.05 19.61
N THR A 57 15.93 7.94 20.88
CA THR A 57 15.46 8.92 21.84
C THR A 57 16.60 9.41 22.71
N LYS A 58 16.44 10.63 23.21
CA LYS A 58 17.52 11.28 23.94
C LYS A 58 17.36 10.94 25.42
N VAL A 59 18.39 10.33 26.00
CA VAL A 59 18.42 9.99 27.43
C VAL A 59 19.66 10.65 28.03
N ASP A 60 19.43 11.65 28.90
CA ASP A 60 20.52 12.32 29.61
C ASP A 60 21.59 12.80 28.65
N GLY A 61 21.15 13.51 27.64
CA GLY A 61 22.08 14.14 26.75
C GLY A 61 22.62 13.28 25.61
N VAL A 62 22.31 11.97 25.55
CA VAL A 62 22.78 11.17 24.42
C VAL A 62 21.66 10.34 23.83
N ASP A 63 21.89 9.91 22.57
CA ASP A 63 20.88 9.24 21.79
C ASP A 63 20.93 7.74 22.01
N VAL A 64 19.77 7.15 22.25
CA VAL A 64 19.64 5.71 22.47
C VAL A 64 18.73 5.16 21.40
N GLU A 65 19.15 4.06 20.78
CA GLU A 65 18.33 3.43 19.75
C GLU A 65 17.09 2.72 20.30
N LEU A 66 15.90 3.06 19.78
CA LEU A 66 14.69 2.34 20.15
C LEU A 66 14.21 1.35 19.10
N PHE A 67 14.47 1.59 17.82
CA PHE A 67 13.86 0.75 16.79
C PHE A 67 14.68 0.89 15.51
N GLU A 68 15.03 -0.23 14.89
CA GLU A 68 15.66 -0.22 13.57
C GLU A 68 14.65 -0.80 12.61
N ASN A 69 14.27 -0.03 11.60
CA ASN A 69 13.24 -0.46 10.68
C ASN A 69 13.83 -1.47 9.70
N LYS A 70 13.29 -2.68 9.70
CA LYS A 70 13.61 -3.70 8.71
C LYS A 70 12.45 -3.94 7.71
N THR A 71 11.41 -3.12 7.73
CA THR A 71 10.23 -3.31 6.88
C THR A 71 10.38 -2.47 5.61
N THR A 72 9.41 -2.60 4.67
CA THR A 72 9.37 -1.73 3.51
C THR A 72 8.46 -0.50 3.72
N LEU A 73 8.01 -0.28 4.94
CA LEU A 73 7.18 0.89 5.30
C LEU A 73 8.08 2.02 5.77
N PRO A 74 7.53 3.24 5.87
CA PRO A 74 8.35 4.35 6.41
C PRO A 74 8.74 4.07 7.86
N VAL A 75 9.93 4.52 8.24
CA VAL A 75 10.47 4.20 9.56
C VAL A 75 9.50 4.56 10.68
N ASN A 76 8.90 5.76 10.65
CA ASN A 76 8.05 6.12 11.79
C ASN A 76 6.76 5.31 11.85
N VAL A 77 6.25 4.89 10.69
CA VAL A 77 5.03 4.09 10.62
C VAL A 77 5.30 2.67 11.14
N ALA A 78 6.40 2.07 10.66
CA ALA A 78 6.81 0.76 11.16
C ALA A 78 7.06 0.78 12.66
N PHE A 79 7.69 1.84 13.17
CA PHE A 79 7.89 1.97 14.62
C PHE A 79 6.57 1.91 15.38
N GLU A 80 5.58 2.67 14.92
CA GLU A 80 4.27 2.67 15.59
C GLU A 80 3.56 1.33 15.50
N LEU A 81 3.61 0.65 14.36
CA LEU A 81 2.95 -0.65 14.26
C LEU A 81 3.64 -1.68 15.15
N TRP A 82 4.97 -1.62 15.20
CA TRP A 82 5.71 -2.48 16.11
C TRP A 82 5.33 -2.19 17.56
N ALA A 83 5.27 -0.90 17.94
CA ALA A 83 4.92 -0.58 19.34
C ALA A 83 3.53 -1.07 19.69
N LYS A 84 2.63 -1.13 18.70
CA LYS A 84 1.23 -1.51 18.89
C LYS A 84 0.98 -3.01 18.57
N ARG A 85 2.05 -3.81 18.55
CA ARG A 85 1.88 -5.23 18.28
C ARG A 85 1.10 -5.91 19.39
N ASN A 86 0.43 -6.99 19.01
CA ASN A 86 -0.26 -7.83 19.97
C ASN A 86 0.77 -8.55 20.84
N ILE A 87 0.66 -8.40 22.16
CA ILE A 87 1.63 -9.02 23.06
C ILE A 87 0.99 -10.16 23.85
N LYS A 88 -0.13 -10.62 23.44
CA LYS A 88 -0.74 -11.86 23.93
C LYS A 88 -0.37 -13.01 23.02
N PRO A 89 -0.54 -14.26 23.45
CA PRO A 89 -0.30 -15.37 22.52
C PRO A 89 -1.23 -15.22 21.32
N VAL A 90 -0.66 -15.34 20.12
CA VAL A 90 -1.46 -15.23 18.89
C VAL A 90 -1.07 -16.36 17.95
N PRO A 91 -1.94 -16.68 16.99
CA PRO A 91 -1.64 -17.74 16.01
C PRO A 91 -0.36 -17.43 15.25
N GLU A 92 0.44 -18.45 14.98
CA GLU A 92 1.60 -18.22 14.13
C GLU A 92 1.15 -17.69 12.79
N VAL A 93 2.02 -16.92 12.15
CA VAL A 93 1.65 -16.25 10.89
C VAL A 93 1.32 -17.28 9.81
N LYS A 94 2.02 -18.40 9.79
CA LYS A 94 1.73 -19.40 8.75
C LYS A 94 0.31 -19.92 8.83
N ILE A 95 -0.27 -20.00 10.05
CA ILE A 95 -1.66 -20.45 10.20
C ILE A 95 -2.60 -19.42 9.62
N LEU A 96 -2.37 -18.15 9.96
CA LEU A 96 -3.22 -17.06 9.49
C LEU A 96 -3.13 -16.94 7.98
N ASN A 97 -1.92 -17.06 7.44
CA ASN A 97 -1.76 -17.05 5.99
C ASN A 97 -2.54 -18.21 5.36
N ASN A 98 -2.37 -19.43 5.90
CA ASN A 98 -3.05 -20.59 5.29
C ASN A 98 -4.55 -20.46 5.37
N LEU A 99 -5.06 -19.75 6.38
CA LEU A 99 -6.49 -19.55 6.46
C LEU A 99 -6.93 -18.34 5.66
N GLY A 100 -6.01 -17.67 4.95
CA GLY A 100 -6.37 -16.59 4.05
C GLY A 100 -6.62 -15.26 4.72
N VAL A 101 -6.14 -15.07 5.95
CA VAL A 101 -6.39 -13.82 6.66
C VAL A 101 -5.69 -12.68 5.90
N ASP A 102 -6.43 -11.60 5.63
CA ASP A 102 -5.89 -10.40 5.00
C ASP A 102 -5.49 -9.29 5.99
N ILE A 103 -6.11 -9.24 7.16
CA ILE A 103 -6.02 -8.06 8.03
C ILE A 103 -6.57 -8.44 9.40
N ALA A 104 -6.21 -7.67 10.42
CA ALA A 104 -6.62 -7.97 11.79
C ALA A 104 -7.55 -6.87 12.30
N ALA A 105 -8.57 -7.25 13.08
CA ALA A 105 -9.47 -6.27 13.70
C ALA A 105 -8.77 -5.62 14.89
N ASN A 106 -8.39 -4.35 14.75
CA ASN A 106 -8.01 -3.51 15.91
C ASN A 106 -6.81 -4.04 16.69
N THR A 107 -5.85 -4.61 15.97
CA THR A 107 -4.58 -5.06 16.53
C THR A 107 -3.58 -5.17 15.38
N VAL A 108 -2.32 -5.40 15.73
CA VAL A 108 -1.25 -5.69 14.77
C VAL A 108 -0.66 -7.06 15.13
N ILE A 109 -0.67 -7.97 14.17
CA ILE A 109 0.07 -9.21 14.31
C ILE A 109 1.48 -8.95 13.77
N TRP A 110 2.48 -8.87 14.67
CA TRP A 110 3.85 -8.60 14.22
C TRP A 110 4.48 -9.91 13.74
N ASP A 111 5.10 -9.88 12.55
CA ASP A 111 5.66 -11.11 11.99
C ASP A 111 7.15 -11.12 12.33
N TYR A 112 7.51 -11.89 13.36
CA TYR A 112 8.88 -11.89 13.83
C TYR A 112 9.81 -12.65 12.88
N LYS A 113 9.29 -13.47 11.98
CA LYS A 113 10.21 -14.07 11.01
C LYS A 113 10.68 -13.05 9.96
N ARG A 114 9.86 -12.08 9.65
CA ARG A 114 10.14 -11.05 8.65
C ARG A 114 10.52 -9.71 9.30
N ASP A 115 10.44 -9.62 10.62
CA ASP A 115 10.61 -8.35 11.37
C ASP A 115 9.73 -7.24 10.79
N ALA A 116 8.45 -7.54 10.58
CA ALA A 116 7.57 -6.63 9.87
C ALA A 116 6.12 -6.97 10.22
N PRO A 117 5.19 -6.06 9.99
CA PRO A 117 3.77 -6.40 10.22
C PRO A 117 3.38 -7.58 9.34
N ALA A 118 2.54 -8.47 9.88
CA ALA A 118 2.07 -9.60 9.08
C ALA A 118 1.13 -9.18 7.96
N HIS A 119 0.51 -8.02 8.09
CA HIS A 119 -0.51 -7.56 7.15
C HIS A 119 -0.19 -6.12 6.73
N ILE A 120 -0.56 -5.75 5.50
CA ILE A 120 -0.16 -4.45 4.94
C ILE A 120 -0.96 -3.31 5.58
N SER A 121 -2.24 -3.53 5.82
CA SER A 121 -3.15 -2.51 6.31
C SER A 121 -3.61 -2.83 7.72
N THR A 122 -4.29 -1.86 8.31
CA THR A 122 -4.79 -2.02 9.67
C THR A 122 -6.22 -1.50 9.75
N ILE A 123 -6.84 -1.79 10.88
CA ILE A 123 -8.20 -1.35 11.20
C ILE A 123 -8.09 -0.79 12.59
N GLY A 124 -8.27 0.52 12.73
CA GLY A 124 -8.28 1.15 14.04
C GLY A 124 -6.97 1.13 14.80
N VAL A 125 -5.82 1.12 14.12
CA VAL A 125 -4.52 1.07 14.76
C VAL A 125 -3.71 2.34 14.50
N CYS A 126 -3.60 2.77 13.25
CA CYS A 126 -2.58 3.74 12.88
C CYS A 126 -3.07 4.55 11.69
N SER A 127 -2.97 5.88 11.79
CA SER A 127 -3.64 6.71 10.80
C SER A 127 -2.98 6.59 9.43
N MET A 128 -1.67 6.28 9.37
CA MET A 128 -1.06 6.09 8.06
C MET A 128 -1.49 4.78 7.38
N THR A 129 -1.77 3.71 8.14
CA THR A 129 -2.05 2.40 7.54
C THR A 129 -3.52 1.94 7.64
N ASP A 130 -4.34 2.63 8.42
CA ASP A 130 -5.73 2.19 8.63
C ASP A 130 -6.51 2.28 7.33
N ILE A 131 -7.26 1.23 7.02
CA ILE A 131 -8.29 1.43 6.02
C ILE A 131 -9.63 1.69 6.66
N ALA A 132 -9.72 1.54 7.97
CA ALA A 132 -11.00 1.71 8.64
C ALA A 132 -10.72 1.88 10.12
N LYS A 133 -11.70 2.41 10.84
CA LYS A 133 -11.62 2.42 12.29
C LYS A 133 -12.22 1.17 12.90
N LYS A 134 -13.26 0.61 12.29
CA LYS A 134 -13.93 -0.58 12.80
C LYS A 134 -14.13 -1.59 11.69
N PRO A 135 -14.14 -2.89 12.00
CA PRO A 135 -14.26 -3.88 10.92
C PRO A 135 -15.66 -3.96 10.34
N THR A 136 -16.62 -3.29 10.93
CA THR A 136 -17.95 -3.22 10.36
C THR A 136 -18.04 -2.23 9.21
N GLU A 137 -16.99 -1.48 8.89
CA GLU A 137 -17.05 -0.59 7.73
C GLU A 137 -17.03 -1.43 6.46
N THR A 138 -17.67 -0.90 5.41
CA THR A 138 -17.91 -1.72 4.23
C THR A 138 -16.62 -2.01 3.47
N ILE A 139 -15.59 -1.19 3.64
CA ILE A 139 -14.31 -1.51 2.99
C ILE A 139 -13.77 -2.85 3.48
N CYS A 140 -14.18 -3.30 4.68
CA CYS A 140 -13.71 -4.55 5.28
C CYS A 140 -14.50 -5.79 4.85
N ALA A 141 -15.68 -5.62 4.27
CA ALA A 141 -16.53 -6.78 3.98
C ALA A 141 -15.87 -7.80 3.07
N PRO A 142 -15.23 -7.44 1.95
CA PRO A 142 -14.53 -8.45 1.13
C PRO A 142 -13.27 -9.06 1.77
N LEU A 143 -12.60 -8.37 2.71
CA LEU A 143 -11.36 -8.88 3.27
C LEU A 143 -11.62 -9.90 4.35
N THR A 144 -10.71 -10.87 4.49
CA THR A 144 -10.83 -11.86 5.55
C THR A 144 -10.17 -11.29 6.79
N VAL A 145 -11.01 -10.87 7.76
CA VAL A 145 -10.59 -10.15 8.95
C VAL A 145 -10.37 -11.16 10.07
N PHE A 146 -9.24 -11.04 10.76
CA PHE A 146 -8.96 -11.87 11.93
C PHE A 146 -9.58 -11.22 13.18
N PHE A 147 -10.43 -11.97 13.87
CA PHE A 147 -11.08 -11.57 15.12
C PHE A 147 -10.60 -12.43 16.29
N ASP A 148 -10.58 -11.84 17.48
CA ASP A 148 -9.99 -12.47 18.65
C ASP A 148 -11.03 -12.46 19.76
N GLY A 149 -11.61 -13.62 20.01
CA GLY A 149 -12.67 -13.82 20.98
C GLY A 149 -12.27 -13.51 22.39
N ARG A 150 -10.97 -13.38 22.65
CA ARG A 150 -10.53 -12.89 23.96
C ARG A 150 -10.82 -11.42 24.15
N VAL A 151 -11.04 -10.67 23.07
CA VAL A 151 -11.33 -9.25 23.16
C VAL A 151 -12.84 -9.06 23.14
N ASP A 152 -13.36 -8.35 24.14
CA ASP A 152 -14.80 -8.18 24.25
C ASP A 152 -15.37 -7.62 22.95
N GLY A 153 -16.51 -8.15 22.52
CA GLY A 153 -17.19 -7.71 21.31
C GLY A 153 -16.75 -8.39 20.02
N GLN A 154 -15.57 -9.02 19.98
CA GLN A 154 -15.09 -9.49 18.69
C GLN A 154 -15.80 -10.76 18.23
N VAL A 155 -16.34 -11.59 19.14
CA VAL A 155 -17.08 -12.76 18.66
C VAL A 155 -18.29 -12.29 17.87
N ASP A 156 -19.01 -11.31 18.40
CA ASP A 156 -20.16 -10.73 17.73
C ASP A 156 -19.80 -10.01 16.45
N LEU A 157 -18.64 -9.35 16.40
CA LEU A 157 -18.17 -8.76 15.15
C LEU A 157 -17.94 -9.84 14.07
N PHE A 158 -17.37 -10.98 14.47
CA PHE A 158 -17.27 -12.11 13.56
C PHE A 158 -18.64 -12.57 13.08
N ARG A 159 -19.62 -12.68 14.00
CA ARG A 159 -20.95 -13.15 13.63
C ARG A 159 -21.59 -12.28 12.57
N ASN A 160 -21.26 -10.98 12.57
CA ASN A 160 -21.79 -10.03 11.62
C ASN A 160 -20.92 -9.83 10.38
N ALA A 161 -19.67 -10.31 10.39
CA ALA A 161 -18.77 -10.04 9.28
C ALA A 161 -19.03 -10.97 8.11
N ARG A 162 -18.70 -10.47 6.92
CA ARG A 162 -18.88 -11.26 5.71
C ARG A 162 -17.79 -12.32 5.59
N ASN A 163 -16.55 -11.93 5.86
CA ASN A 163 -15.41 -12.81 5.74
C ASN A 163 -14.59 -12.67 7.00
N GLY A 164 -14.27 -13.78 7.63
CA GLY A 164 -13.46 -13.65 8.83
C GLY A 164 -12.89 -14.97 9.29
N VAL A 165 -11.92 -14.85 10.16
CA VAL A 165 -11.40 -15.95 10.95
C VAL A 165 -11.47 -15.52 12.40
N LEU A 166 -11.98 -16.38 13.28
CA LEU A 166 -12.17 -16.09 14.69
C LEU A 166 -11.37 -17.11 15.50
N ILE A 167 -10.66 -16.66 16.53
CA ILE A 167 -10.15 -17.61 17.52
C ILE A 167 -10.89 -17.39 18.83
N THR A 168 -11.08 -18.48 19.59
CA THR A 168 -11.63 -18.36 20.93
C THR A 168 -10.90 -19.32 21.85
N GLU A 169 -11.04 -19.08 23.14
CA GLU A 169 -10.52 -20.00 24.13
C GLU A 169 -11.51 -21.08 24.53
N GLY A 170 -12.78 -20.92 24.17
CA GLY A 170 -13.78 -21.91 24.49
C GLY A 170 -14.92 -21.90 23.50
N SER A 171 -16.05 -22.45 23.92
CA SER A 171 -17.19 -22.69 23.05
C SER A 171 -17.86 -21.38 22.62
N VAL A 172 -18.38 -21.38 21.38
CA VAL A 172 -19.23 -20.31 20.87
C VAL A 172 -20.60 -20.93 20.57
N LYS A 173 -21.66 -20.33 21.12
CA LYS A 173 -23.00 -20.88 20.94
C LYS A 173 -23.36 -20.95 19.47
N GLY A 174 -23.74 -22.13 19.02
CA GLY A 174 -24.18 -22.30 17.66
C GLY A 174 -23.12 -22.53 16.62
N LEU A 175 -21.84 -22.54 16.99
CA LEU A 175 -20.75 -22.72 16.02
C LEU A 175 -19.90 -23.91 16.41
N GLN A 176 -19.70 -24.84 15.47
CA GLN A 176 -18.80 -25.98 15.68
C GLN A 176 -17.35 -25.54 15.53
N PRO A 177 -16.49 -25.91 16.45
CA PRO A 177 -15.10 -25.42 16.43
C PRO A 177 -14.17 -26.36 15.67
N SER A 178 -13.05 -25.83 15.15
CA SER A 178 -11.91 -26.63 14.75
C SER A 178 -10.80 -26.42 15.79
N VAL A 179 -10.31 -27.51 16.38
CA VAL A 179 -9.28 -27.42 17.41
C VAL A 179 -7.96 -27.10 16.73
N GLY A 180 -7.31 -26.00 17.12
CA GLY A 180 -6.12 -25.57 16.42
C GLY A 180 -4.87 -26.23 16.98
N PRO A 181 -3.71 -25.71 16.60
CA PRO A 181 -2.45 -26.28 17.10
C PRO A 181 -2.31 -26.04 18.60
N LYS A 182 -1.44 -26.84 19.22
CA LYS A 182 -1.19 -26.63 20.65
C LYS A 182 -0.42 -25.34 20.90
N GLN A 183 0.43 -24.91 19.95
CA GLN A 183 1.36 -23.82 20.20
C GLN A 183 0.82 -22.52 19.58
N ALA A 184 1.36 -21.40 20.07
CA ALA A 184 1.06 -20.08 19.55
C ALA A 184 2.30 -19.22 19.76
N SER A 185 2.27 -18.00 19.24
CA SER A 185 3.41 -17.09 19.30
C SER A 185 3.13 -16.01 20.33
N LEU A 186 4.08 -15.82 21.25
CA LEU A 186 4.01 -14.79 22.28
C LEU A 186 5.30 -13.96 22.18
N ASN A 187 5.19 -12.71 21.75
CA ASN A 187 6.37 -11.83 21.52
C ASN A 187 7.46 -12.52 20.71
N GLY A 188 7.05 -13.27 19.70
CA GLY A 188 8.00 -13.93 18.83
C GLY A 188 8.51 -15.26 19.31
N VAL A 189 8.11 -15.71 20.52
CA VAL A 189 8.48 -17.01 21.04
C VAL A 189 7.32 -17.96 20.80
N THR A 190 7.55 -19.03 20.06
CA THR A 190 6.50 -20.01 19.84
C THR A 190 6.55 -21.01 20.97
N LEU A 191 5.41 -21.24 21.61
CA LEU A 191 5.43 -22.07 22.81
C LEU A 191 4.04 -22.69 23.01
N ILE A 192 4.02 -23.77 23.79
CA ILE A 192 2.79 -24.39 24.28
C ILE A 192 2.59 -23.89 25.71
N GLY A 193 1.57 -23.05 25.89
CA GLY A 193 1.47 -22.28 27.13
C GLY A 193 1.08 -23.15 28.31
N GLU A 194 1.68 -22.87 29.44
CA GLU A 194 1.30 -23.49 30.69
C GLU A 194 0.69 -22.49 31.64
N ALA A 195 1.25 -21.27 31.68
CA ALA A 195 0.67 -20.19 32.48
C ALA A 195 -0.34 -19.40 31.67
N VAL A 196 -0.44 -19.66 30.39
CA VAL A 196 -1.31 -18.93 29.49
C VAL A 196 -1.84 -19.94 28.48
N LYS A 197 -3.01 -19.67 27.92
CA LYS A 197 -3.62 -20.58 26.96
C LYS A 197 -3.12 -20.26 25.56
N THR A 198 -2.64 -21.27 24.84
CA THR A 198 -2.17 -21.11 23.46
C THR A 198 -2.96 -21.94 22.45
N GLN A 199 -3.88 -22.82 22.90
CA GLN A 199 -4.67 -23.67 21.99
C GLN A 199 -6.02 -22.99 21.79
N PHE A 200 -6.31 -22.63 20.55
CA PHE A 200 -7.53 -21.91 20.23
C PHE A 200 -8.45 -22.82 19.45
N ASN A 201 -9.75 -22.58 19.61
CA ASN A 201 -10.72 -22.98 18.63
C ASN A 201 -10.65 -22.02 17.46
N TYR A 202 -10.84 -22.56 16.25
CA TYR A 202 -10.84 -21.77 15.03
C TYR A 202 -12.20 -21.82 14.35
N TYR A 203 -12.60 -20.69 13.79
CA TYR A 203 -13.84 -20.59 13.03
C TYR A 203 -13.54 -19.73 11.82
N LYS A 204 -14.20 -20.00 10.72
CA LYS A 204 -14.01 -19.22 9.49
C LYS A 204 -15.34 -19.06 8.74
N LYS A 205 -15.53 -17.86 8.19
CA LYS A 205 -16.67 -17.48 7.39
C LYS A 205 -16.18 -16.97 6.04
N VAL A 206 -16.86 -17.41 4.98
CA VAL A 206 -16.58 -16.95 3.62
C VAL A 206 -17.92 -16.52 3.03
N ASP A 207 -18.01 -15.27 2.58
CA ASP A 207 -19.23 -14.70 1.99
C ASP A 207 -20.45 -14.92 2.88
N GLY A 208 -20.29 -14.67 4.18
CA GLY A 208 -21.37 -14.76 5.13
C GLY A 208 -21.72 -16.16 5.61
N VAL A 209 -21.03 -17.18 5.09
CA VAL A 209 -21.35 -18.59 5.36
C VAL A 209 -20.26 -19.17 6.25
N VAL A 210 -20.64 -19.72 7.40
CA VAL A 210 -19.67 -20.40 8.25
C VAL A 210 -19.15 -21.63 7.54
N GLN A 211 -17.85 -21.86 7.63
CA GLN A 211 -17.20 -22.94 6.90
C GLN A 211 -16.88 -24.10 7.82
N GLN A 212 -16.97 -25.31 7.28
CA GLN A 212 -16.38 -26.47 7.92
C GLN A 212 -14.91 -26.51 7.55
N LEU A 213 -14.06 -26.31 8.53
CA LEU A 213 -12.63 -26.41 8.29
C LEU A 213 -12.25 -27.88 8.16
N PRO A 214 -11.32 -28.22 7.27
CA PRO A 214 -10.93 -29.62 7.10
C PRO A 214 -10.16 -30.18 8.30
N GLU A 215 -10.26 -31.50 8.45
CA GLU A 215 -9.30 -32.29 9.22
C GLU A 215 -7.90 -31.94 8.80
N THR A 216 -7.00 -31.76 9.78
CA THR A 216 -5.67 -31.33 9.41
C THR A 216 -4.62 -31.84 10.40
N TYR A 217 -3.41 -32.11 9.87
CA TYR A 217 -2.24 -32.21 10.71
C TYR A 217 -1.76 -30.80 11.02
N PHE A 218 -0.89 -30.67 12.03
CA PHE A 218 -0.24 -29.40 12.33
C PHE A 218 1.26 -29.58 12.41
N THR A 219 2.01 -28.63 11.86
CA THR A 219 3.45 -28.61 12.11
C THR A 219 3.73 -28.20 13.56
N GLN A 220 4.91 -28.57 14.05
CA GLN A 220 5.23 -28.47 15.46
C GLN A 220 6.06 -27.23 15.81
N SER A 221 6.60 -26.52 14.82
CA SER A 221 7.23 -25.20 15.00
C SER A 221 8.44 -25.27 15.94
N ARG A 222 9.18 -26.37 15.94
CA ARG A 222 10.36 -26.44 16.79
C ARG A 222 11.57 -25.87 16.04
N ASN A 223 12.69 -25.76 16.74
CA ASN A 223 13.90 -25.30 16.05
C ASN A 223 15.04 -26.28 16.26
N LEU A 224 16.06 -26.13 15.42
CA LEU A 224 17.12 -27.13 15.35
C LEU A 224 17.82 -27.30 16.68
N GLN A 225 18.22 -26.19 17.31
CA GLN A 225 19.13 -26.24 18.44
C GLN A 225 18.42 -26.66 19.71
N GLU A 226 17.15 -26.31 19.86
CA GLU A 226 16.40 -26.55 21.08
C GLU A 226 15.34 -27.65 20.92
N PHE A 227 15.61 -28.68 20.09
CA PHE A 227 14.54 -29.56 19.64
C PHE A 227 14.08 -30.47 20.78
N LYS A 228 12.80 -30.44 21.11
CA LYS A 228 12.26 -31.25 22.21
C LYS A 228 11.37 -32.35 21.62
N PRO A 229 11.61 -33.63 21.89
CA PRO A 229 10.68 -34.66 21.43
C PRO A 229 9.35 -34.54 22.14
N ARG A 230 8.29 -34.89 21.42
CA ARG A 230 6.93 -34.75 21.93
C ARG A 230 6.16 -36.07 21.89
N SER A 231 6.86 -37.19 21.72
CA SER A 231 6.22 -38.49 21.76
C SER A 231 7.30 -39.51 22.03
N GLN A 232 6.87 -40.69 22.46
CA GLN A 232 7.83 -41.76 22.71
C GLN A 232 8.56 -42.14 21.42
N MET A 233 7.85 -42.18 20.29
CA MET A 233 8.54 -42.49 19.05
C MET A 233 9.68 -41.50 18.77
N GLU A 234 9.45 -40.21 19.03
CA GLU A 234 10.50 -39.22 18.81
C GLU A 234 11.65 -39.41 19.77
N ILE A 235 11.36 -39.80 21.01
CA ILE A 235 12.45 -40.06 21.95
C ILE A 235 13.30 -41.21 21.42
N ASP A 236 12.66 -42.31 21.04
CA ASP A 236 13.36 -43.46 20.50
C ASP A 236 14.19 -43.09 19.27
N PHE A 237 13.63 -42.27 18.38
CA PHE A 237 14.40 -41.82 17.22
C PHE A 237 15.67 -41.07 17.62
N LEU A 238 15.57 -40.19 18.62
CA LEU A 238 16.76 -39.45 19.04
C LEU A 238 17.76 -40.34 19.76
N GLU A 239 17.31 -41.35 20.49
CA GLU A 239 18.22 -42.15 21.31
C GLU A 239 18.73 -43.41 20.63
N LEU A 240 17.91 -44.09 19.83
CA LEU A 240 18.33 -45.36 19.25
C LEU A 240 19.20 -45.13 18.01
N ALA A 241 19.90 -46.19 17.62
CA ALA A 241 20.56 -46.20 16.33
C ALA A 241 19.55 -46.42 15.22
N MET A 242 19.87 -45.88 14.04
CA MET A 242 18.99 -45.92 12.87
C MET A 242 18.40 -47.31 12.68
N ASP A 243 19.26 -48.34 12.68
CA ASP A 243 18.81 -49.70 12.41
C ASP A 243 17.80 -50.18 13.44
N GLU A 244 18.07 -49.94 14.72
CA GLU A 244 17.16 -50.45 15.73
C GLU A 244 15.84 -49.71 15.71
N PHE A 245 15.87 -48.40 15.45
CA PHE A 245 14.63 -47.65 15.35
C PHE A 245 13.74 -48.20 14.24
N ILE A 246 14.30 -48.35 13.04
CA ILE A 246 13.55 -48.84 11.90
C ILE A 246 12.98 -50.22 12.19
N GLU A 247 13.77 -51.09 12.82
CA GLU A 247 13.24 -52.41 13.13
C GLU A 247 12.10 -52.31 14.13
N ARG A 248 12.21 -51.43 15.12
CA ARG A 248 11.22 -51.38 16.19
C ARG A 248 9.85 -50.96 15.68
N TYR A 249 9.80 -49.91 14.86
CA TYR A 249 8.53 -49.41 14.34
C TYR A 249 8.18 -49.98 12.98
N LYS A 250 8.90 -51.02 12.55
CA LYS A 250 8.59 -51.78 11.34
C LYS A 250 8.48 -50.86 10.12
N LEU A 251 9.61 -50.20 9.83
CA LEU A 251 9.68 -49.17 8.80
C LEU A 251 10.48 -49.60 7.58
N GLU A 252 10.87 -50.87 7.47
CA GLU A 252 11.55 -51.37 6.28
C GLU A 252 10.73 -51.09 5.01
N GLY A 253 11.42 -50.62 3.96
CA GLY A 253 10.75 -50.35 2.71
C GLY A 253 10.20 -48.94 2.58
N TYR A 254 10.24 -48.13 3.62
CA TYR A 254 9.76 -46.75 3.55
C TYR A 254 10.87 -45.73 3.41
N ALA A 255 12.10 -46.18 3.20
CA ALA A 255 13.25 -45.29 2.95
C ALA A 255 13.44 -44.22 4.03
N PHE A 256 13.22 -44.59 5.30
CA PHE A 256 13.46 -43.64 6.39
C PHE A 256 14.92 -43.21 6.46
N GLU A 257 15.85 -44.11 6.15
CA GLU A 257 17.26 -43.73 6.17
C GLU A 257 17.53 -42.57 5.21
N HIS A 258 16.92 -42.60 4.04
CA HIS A 258 17.05 -41.50 3.10
C HIS A 258 16.23 -40.30 3.57
N ILE A 259 14.93 -40.50 3.80
CA ILE A 259 13.98 -39.39 3.94
C ILE A 259 14.20 -38.62 5.24
N VAL A 260 14.32 -39.31 6.35
CA VAL A 260 14.40 -38.66 7.66
C VAL A 260 15.84 -38.43 8.10
N TYR A 261 16.68 -39.48 8.04
N TYR A 261 16.71 -39.45 8.03
CA TYR A 261 18.08 -39.42 8.49
CA TYR A 261 18.08 -39.29 8.53
C TYR A 261 18.99 -38.66 7.51
C TYR A 261 19.01 -38.65 7.50
N GLY A 262 18.70 -38.75 6.22
CA GLY A 262 19.50 -38.15 5.19
C GLY A 262 20.67 -39.03 4.75
N ASP A 263 21.13 -38.80 3.53
CA ASP A 263 22.23 -39.53 2.92
C ASP A 263 23.32 -38.53 2.54
N PHE A 264 24.48 -38.61 3.19
CA PHE A 264 25.58 -37.63 3.05
C PHE A 264 26.74 -38.21 2.28
N SER A 265 26.50 -39.30 1.56
CA SER A 265 27.60 -40.06 0.96
C SER A 265 27.96 -39.57 -0.43
N HIS A 266 27.09 -38.80 -1.09
CA HIS A 266 27.34 -38.26 -2.42
C HIS A 266 27.38 -36.74 -2.36
N SER A 267 27.84 -36.12 -3.46
CA SER A 267 27.99 -34.68 -3.44
C SER A 267 26.64 -34.01 -3.29
N GLN A 268 25.60 -34.59 -3.89
N GLN A 268 25.60 -34.57 -3.90
CA GLN A 268 24.24 -34.12 -3.69
CA GLN A 268 24.26 -34.07 -3.68
C GLN A 268 23.66 -34.80 -2.45
C GLN A 268 23.67 -34.78 -2.46
N LEU A 269 23.29 -34.00 -1.45
CA LEU A 269 22.73 -34.55 -0.22
C LEU A 269 21.36 -35.18 -0.49
N GLY A 270 21.17 -36.42 -0.05
CA GLY A 270 19.93 -37.14 -0.31
C GLY A 270 19.00 -37.04 0.88
N GLY A 271 17.71 -36.79 0.59
CA GLY A 271 16.65 -36.80 1.62
C GLY A 271 16.77 -35.66 2.62
N LEU A 272 16.57 -36.01 3.91
CA LEU A 272 16.63 -35.08 5.03
C LEU A 272 15.49 -34.03 4.98
N HIS A 273 14.25 -34.53 5.11
CA HIS A 273 13.07 -33.69 4.88
C HIS A 273 12.25 -33.46 6.14
N LEU A 274 12.64 -34.04 7.27
CA LEU A 274 11.93 -33.90 8.54
C LEU A 274 12.83 -33.19 9.54
N LEU A 275 12.29 -32.15 10.19
CA LEU A 275 13.11 -31.36 11.11
C LEU A 275 13.80 -32.25 12.15
N ILE A 276 13.10 -33.27 12.67
CA ILE A 276 13.74 -34.09 13.71
C ILE A 276 15.02 -34.75 13.18
N GLY A 277 15.07 -35.05 11.88
CA GLY A 277 16.26 -35.66 11.31
C GLY A 277 17.41 -34.66 11.25
N LEU A 278 17.12 -33.43 10.85
CA LEU A 278 18.10 -32.36 10.92
C LEU A 278 18.54 -32.13 12.35
N ALA A 279 17.61 -32.22 13.32
CA ALA A 279 17.99 -32.00 14.71
C ALA A 279 18.96 -33.06 15.16
N LYS A 280 18.69 -34.31 14.79
CA LYS A 280 19.59 -35.37 15.19
C LYS A 280 20.97 -35.23 14.55
N ARG A 281 21.01 -34.89 13.26
N ARG A 281 21.01 -34.91 13.25
CA ARG A 281 22.30 -34.69 12.60
CA ARG A 281 22.29 -34.70 12.59
C ARG A 281 23.06 -33.53 13.24
C ARG A 281 23.06 -33.54 13.20
N PHE A 282 22.35 -32.45 13.53
CA PHE A 282 23.00 -31.25 14.04
C PHE A 282 23.67 -31.50 15.39
N LYS A 283 23.06 -32.33 16.24
CA LYS A 283 23.68 -32.67 17.52
C LYS A 283 25.01 -33.36 17.33
N GLU A 284 25.11 -34.21 16.31
CA GLU A 284 26.29 -35.02 16.05
C GLU A 284 27.35 -34.28 15.24
N SER A 285 26.92 -33.43 14.30
CA SER A 285 27.82 -32.79 13.36
C SER A 285 27.16 -31.55 12.75
N PRO A 286 27.76 -30.38 12.87
CA PRO A 286 27.05 -29.15 12.49
C PRO A 286 26.99 -28.97 10.98
N PHE A 287 25.99 -28.23 10.54
CA PHE A 287 25.92 -27.92 9.12
C PHE A 287 25.34 -26.52 8.97
N GLU A 288 25.42 -26.00 7.76
CA GLU A 288 24.93 -24.69 7.38
C GLU A 288 23.54 -24.84 6.74
N LEU A 289 22.57 -24.05 7.19
CA LEU A 289 21.23 -23.97 6.59
C LEU A 289 21.03 -22.52 6.18
N GLU A 290 20.97 -22.27 4.88
CA GLU A 290 20.71 -20.93 4.37
C GLU A 290 19.21 -20.82 4.15
N ASP A 291 18.57 -19.94 4.93
CA ASP A 291 17.11 -19.70 4.89
C ASP A 291 16.85 -18.64 3.82
N PHE A 292 16.82 -19.06 2.54
CA PHE A 292 16.90 -18.00 1.53
C PHE A 292 15.55 -17.34 1.21
N ILE A 293 14.44 -17.83 1.75
CA ILE A 293 13.17 -17.12 1.74
C ILE A 293 12.72 -16.96 3.19
N PRO A 294 13.19 -15.97 3.90
CA PRO A 294 12.99 -15.94 5.35
C PRO A 294 11.60 -15.44 5.70
N MET A 295 10.68 -16.35 5.90
CA MET A 295 9.31 -15.99 6.28
C MET A 295 8.74 -17.19 7.01
N ASP A 296 7.57 -17.02 7.60
CA ASP A 296 6.93 -18.16 8.26
C ASP A 296 6.12 -18.97 7.24
N SER A 297 6.40 -20.27 7.10
CA SER A 297 5.53 -21.10 6.25
C SER A 297 5.56 -22.54 6.74
N THR A 298 4.52 -23.27 6.35
CA THR A 298 4.37 -24.66 6.73
C THR A 298 5.54 -25.52 6.24
N VAL A 299 6.01 -25.26 5.03
CA VAL A 299 7.14 -25.97 4.44
C VAL A 299 8.26 -24.94 4.32
N LYS A 300 9.47 -25.32 4.68
CA LYS A 300 10.62 -24.40 4.54
C LYS A 300 11.63 -25.00 3.58
N ASN A 301 12.22 -24.17 2.72
CA ASN A 301 13.29 -24.59 1.82
C ASN A 301 14.62 -24.00 2.28
N TYR A 302 15.66 -24.86 2.34
CA TYR A 302 16.98 -24.44 2.78
C TYR A 302 18.04 -24.91 1.78
N PHE A 303 19.03 -24.07 1.58
CA PHE A 303 20.26 -24.47 0.91
C PHE A 303 21.16 -25.03 2.02
N ILE A 304 21.34 -26.37 2.05
CA ILE A 304 22.08 -27.01 3.14
C ILE A 304 23.48 -27.42 2.66
N THR A 305 24.50 -27.15 3.49
CA THR A 305 25.86 -27.62 3.27
C THR A 305 26.32 -28.34 4.53
N ASP A 306 26.61 -29.63 4.41
CA ASP A 306 27.09 -30.39 5.55
C ASP A 306 28.59 -30.18 5.76
N ALA A 307 28.99 -29.73 6.95
CA ALA A 307 30.39 -29.35 7.14
C ALA A 307 31.32 -30.55 7.17
N GLN A 308 30.88 -31.69 7.68
CA GLN A 308 31.78 -32.84 7.81
C GLN A 308 32.10 -33.47 6.45
N THR A 309 31.09 -33.65 5.60
CA THR A 309 31.26 -34.39 4.37
C THR A 309 31.37 -33.52 3.12
N GLY A 310 30.83 -32.30 3.15
CA GLY A 310 30.73 -31.52 1.93
C GLY A 310 29.54 -31.86 1.06
N SER A 311 28.74 -32.83 1.47
CA SER A 311 27.47 -33.08 0.78
C SER A 311 26.56 -31.85 0.93
N SER A 312 25.81 -31.51 -0.12
CA SER A 312 25.03 -30.27 -0.08
C SER A 312 23.81 -30.38 -0.99
N LYS A 313 22.80 -29.52 -0.76
CA LYS A 313 21.66 -29.47 -1.67
C LYS A 313 21.11 -28.05 -1.68
N CYS A 314 20.91 -27.51 -2.90
CA CYS A 314 20.45 -26.12 -3.07
C CYS A 314 19.07 -25.88 -2.50
N VAL A 315 18.15 -26.81 -2.74
CA VAL A 315 16.77 -26.67 -2.27
C VAL A 315 16.44 -27.93 -1.50
N CYS A 316 16.51 -27.87 -0.19
CA CYS A 316 16.15 -28.99 0.68
C CYS A 316 14.86 -28.61 1.42
N SER A 317 13.78 -29.27 1.06
CA SER A 317 12.48 -28.98 1.62
C SER A 317 12.32 -29.71 2.96
N VAL A 318 11.89 -28.99 3.97
CA VAL A 318 11.88 -29.47 5.35
C VAL A 318 10.56 -29.10 5.99
N ILE A 319 9.97 -30.05 6.71
CA ILE A 319 8.74 -29.82 7.44
C ILE A 319 8.91 -30.42 8.82
N ASP A 320 8.37 -29.75 9.86
CA ASP A 320 8.42 -30.27 11.23
C ASP A 320 7.05 -30.86 11.55
N LEU A 321 6.85 -32.12 11.22
CA LEU A 321 5.73 -32.92 11.68
C LEU A 321 6.17 -33.73 12.88
N LEU A 322 5.24 -33.97 13.81
CA LEU A 322 5.46 -35.04 14.78
C LEU A 322 5.83 -36.31 14.03
N LEU A 323 6.87 -37.00 14.50
CA LEU A 323 7.30 -38.19 13.74
C LEU A 323 6.15 -39.18 13.56
N ASP A 324 5.31 -39.37 14.58
CA ASP A 324 4.19 -40.31 14.48
C ASP A 324 3.26 -39.92 13.36
N ASP A 325 3.03 -38.61 13.19
CA ASP A 325 2.17 -38.11 12.12
C ASP A 325 2.81 -38.40 10.76
N PHE A 326 4.10 -38.12 10.62
CA PHE A 326 4.77 -38.42 9.37
C PHE A 326 4.70 -39.92 9.06
N VAL A 327 4.89 -40.77 10.05
CA VAL A 327 4.82 -42.20 9.81
C VAL A 327 3.41 -42.63 9.36
N GLU A 328 2.38 -42.05 9.97
CA GLU A 328 1.00 -42.32 9.55
C GLU A 328 0.78 -41.92 8.08
N ILE A 329 1.23 -40.71 7.70
CA ILE A 329 1.09 -40.25 6.32
C ILE A 329 1.76 -41.20 5.34
N ILE A 330 3.06 -41.49 5.56
CA ILE A 330 3.77 -42.29 4.56
C ILE A 330 3.26 -43.71 4.55
N LYS A 331 2.80 -44.25 5.68
CA LYS A 331 2.27 -45.60 5.64
C LYS A 331 0.85 -45.67 5.08
N SER A 332 0.24 -44.53 4.76
CA SER A 332 -1.13 -44.47 4.24
C SER A 332 -1.17 -44.20 2.72
N GLN A 333 -0.05 -44.43 2.01
CA GLN A 333 0.03 -44.17 0.58
C GLN A 333 0.12 -45.46 -0.21
N ASP A 334 -0.39 -45.42 -1.44
CA ASP A 334 -0.18 -46.49 -2.39
C ASP A 334 1.20 -46.31 -3.02
N LEU A 335 1.95 -47.41 -3.10
CA LEU A 335 3.34 -47.34 -3.52
C LEU A 335 3.58 -47.92 -4.90
N SER A 336 2.55 -47.99 -5.76
CA SER A 336 2.67 -48.78 -6.96
C SER A 336 3.03 -47.99 -8.21
N VAL A 337 3.36 -46.69 -8.14
CA VAL A 337 3.83 -46.00 -9.34
C VAL A 337 5.13 -45.25 -9.07
N VAL A 338 5.87 -45.00 -10.15
CA VAL A 338 7.20 -44.40 -10.04
C VAL A 338 7.15 -43.07 -9.29
N SER A 339 6.24 -42.16 -9.69
CA SER A 339 6.18 -40.86 -9.05
C SER A 339 4.78 -40.29 -9.13
N LYS A 340 4.38 -39.62 -8.07
CA LYS A 340 3.09 -38.93 -8.08
C LYS A 340 3.06 -37.90 -6.96
N VAL A 341 2.07 -37.00 -7.06
CA VAL A 341 1.81 -35.97 -6.06
C VAL A 341 0.87 -36.55 -5.02
N VAL A 342 1.23 -36.40 -3.74
CA VAL A 342 0.38 -36.78 -2.62
C VAL A 342 0.00 -35.47 -1.91
N LYS A 343 -1.32 -35.25 -1.70
CA LYS A 343 -1.83 -34.07 -1.02
C LYS A 343 -2.07 -34.40 0.45
N VAL A 344 -1.65 -33.51 1.33
CA VAL A 344 -1.80 -33.71 2.76
C VAL A 344 -2.24 -32.39 3.35
N THR A 345 -3.35 -32.38 4.09
CA THR A 345 -3.81 -31.17 4.79
C THR A 345 -2.97 -30.95 6.03
N ILE A 346 -2.21 -29.85 6.06
CA ILE A 346 -1.32 -29.51 7.16
C ILE A 346 -1.47 -28.02 7.42
N ASP A 347 -1.67 -27.65 8.69
CA ASP A 347 -1.82 -26.23 9.08
C ASP A 347 -2.95 -25.61 8.26
N TYR A 348 -4.01 -26.41 8.01
CA TYR A 348 -5.23 -26.03 7.30
C TYR A 348 -5.05 -25.91 5.79
N THR A 349 -3.84 -26.08 5.24
CA THR A 349 -3.67 -25.94 3.81
C THR A 349 -3.31 -27.29 3.19
N GLU A 350 -3.47 -27.39 1.86
CA GLU A 350 -3.14 -28.64 1.11
C GLU A 350 -1.68 -28.60 0.66
N ILE A 351 -0.83 -29.36 1.35
CA ILE A 351 0.59 -29.43 0.99
C ILE A 351 0.79 -30.55 0.00
N SER A 352 1.40 -30.24 -1.14
CA SER A 352 1.79 -31.27 -2.08
C SER A 352 3.11 -31.89 -1.67
N PHE A 353 3.15 -33.23 -1.60
CA PHE A 353 4.38 -33.99 -1.49
C PHE A 353 4.64 -34.74 -2.79
N MET A 354 5.93 -34.93 -3.11
CA MET A 354 6.28 -35.84 -4.20
C MET A 354 6.66 -37.18 -3.59
N LEU A 355 6.03 -38.25 -4.08
CA LEU A 355 6.34 -39.61 -3.66
C LEU A 355 6.96 -40.36 -4.84
N TRP A 356 8.15 -40.92 -4.61
CA TRP A 356 8.91 -41.67 -5.59
C TRP A 356 9.10 -43.09 -5.07
N CYS A 357 8.71 -44.07 -5.89
CA CYS A 357 8.73 -45.48 -5.51
C CYS A 357 9.40 -46.31 -6.60
N LYS A 358 9.90 -47.47 -6.18
CA LYS A 358 10.45 -48.44 -7.10
C LYS A 358 10.16 -49.83 -6.56
N ASP A 359 9.58 -50.67 -7.40
CA ASP A 359 9.35 -52.08 -7.08
C ASP A 359 8.55 -52.24 -5.79
N GLY A 360 7.57 -51.34 -5.56
CA GLY A 360 6.72 -51.44 -4.39
C GLY A 360 7.28 -50.87 -3.09
N HIS A 361 8.45 -50.25 -3.10
CA HIS A 361 8.93 -49.59 -1.89
C HIS A 361 9.22 -48.12 -2.16
N VAL A 362 9.27 -47.34 -1.08
CA VAL A 362 9.58 -45.91 -1.20
C VAL A 362 11.01 -45.70 -1.66
N GLU A 363 11.22 -44.74 -2.56
CA GLU A 363 12.57 -44.21 -2.77
C GLU A 363 12.79 -42.87 -2.08
N THR A 364 11.91 -41.89 -2.29
CA THR A 364 11.92 -40.70 -1.44
C THR A 364 10.53 -40.08 -1.41
N PHE A 365 10.37 -39.07 -0.54
CA PHE A 365 9.09 -38.45 -0.24
C PHE A 365 9.43 -37.09 0.33
N TYR A 366 8.99 -36.00 -0.31
CA TYR A 366 9.35 -34.70 0.23
C TYR A 366 8.23 -33.70 -0.01
N PRO A 367 8.07 -32.72 0.88
CA PRO A 367 7.09 -31.65 0.65
C PRO A 367 7.62 -30.67 -0.36
N LYS A 368 6.69 -29.95 -1.02
CA LYS A 368 7.01 -28.85 -1.91
C LYS A 368 6.57 -27.52 -1.29
N LEU A 369 7.41 -26.50 -1.40
CA LEU A 369 6.99 -25.17 -1.02
C LEU A 369 6.23 -24.54 -2.18
N GLN A 370 4.97 -24.21 -1.97
CA GLN A 370 4.14 -23.66 -3.05
C GLN A 370 3.15 -22.65 -2.50
N ASN B 23 8.16 -11.15 -20.88
N ASN B 23 7.28 -9.46 -11.60
CA ASN B 23 9.50 -10.94 -20.32
CA ASN B 23 7.51 -9.90 -12.93
C ASN B 23 9.69 -9.51 -19.79
C ASN B 23 7.89 -8.73 -13.84
N MET B 24 8.82 -9.09 -18.88
N MET B 24 7.82 -8.99 -15.14
CA MET B 24 8.94 -7.77 -18.28
CA MET B 24 8.26 -8.07 -16.17
C MET B 24 10.02 -7.77 -17.22
C MET B 24 9.79 -8.00 -16.13
N SER B 25 10.85 -6.73 -17.23
N SER B 25 10.39 -6.80 -16.03
CA SER B 25 11.94 -6.64 -16.25
CA SER B 25 11.83 -6.66 -16.24
C SER B 25 12.45 -5.22 -16.16
C SER B 25 12.39 -5.23 -16.12
N LEU B 26 13.18 -4.97 -15.07
CA LEU B 26 13.82 -3.67 -14.89
C LEU B 26 14.68 -3.27 -16.09
N GLU B 27 15.51 -4.19 -16.56
CA GLU B 27 16.36 -3.91 -17.73
C GLU B 27 15.58 -3.67 -19.01
N ASN B 28 14.43 -4.32 -19.19
CA ASN B 28 13.61 -4.08 -20.37
C ASN B 28 12.90 -2.73 -20.27
N VAL B 29 12.44 -2.35 -19.06
CA VAL B 29 11.87 -1.01 -18.90
C VAL B 29 12.91 0.06 -19.28
N ALA B 30 14.15 -0.10 -18.79
CA ALA B 30 15.22 0.83 -19.13
C ALA B 30 15.57 0.81 -20.62
N PHE B 31 15.60 -0.36 -21.24
CA PHE B 31 15.77 -0.40 -22.69
C PHE B 31 14.73 0.48 -23.40
N ASN B 32 13.45 0.32 -23.01
CA ASN B 32 12.39 1.11 -23.63
C ASN B 32 12.57 2.62 -23.40
N VAL B 33 12.92 3.02 -22.18
CA VAL B 33 13.16 4.44 -21.89
C VAL B 33 14.28 4.99 -22.77
N VAL B 34 15.41 4.27 -22.85
CA VAL B 34 16.52 4.74 -23.69
C VAL B 34 16.13 4.81 -25.17
N ASN B 35 15.50 3.78 -25.70
CA ASN B 35 15.31 3.73 -27.15
C ASN B 35 13.99 4.35 -27.65
N LYS B 36 12.98 4.48 -26.79
CA LYS B 36 11.66 4.97 -27.21
C LYS B 36 11.16 6.18 -26.43
N GLY B 37 11.87 6.60 -25.40
CA GLY B 37 11.47 7.75 -24.60
C GLY B 37 10.48 7.44 -23.48
N HIS B 38 10.00 6.21 -23.40
CA HIS B 38 9.01 5.77 -22.42
C HIS B 38 8.79 4.28 -22.69
N PHE B 39 7.95 3.65 -21.87
CA PHE B 39 7.69 2.23 -22.07
C PHE B 39 6.82 2.07 -23.30
N ASP B 40 7.27 1.22 -24.23
CA ASP B 40 6.54 1.06 -25.49
C ASP B 40 6.38 -0.41 -25.86
N GLY B 41 6.56 -1.32 -24.89
CA GLY B 41 6.39 -2.73 -25.16
C GLY B 41 7.43 -3.35 -26.08
N GLN B 42 8.61 -2.74 -26.25
CA GLN B 42 9.59 -3.29 -27.18
C GLN B 42 10.46 -4.31 -26.49
N GLN B 43 11.01 -5.24 -27.25
CA GLN B 43 11.89 -6.23 -26.65
C GLN B 43 13.32 -5.70 -26.60
N GLY B 44 14.05 -6.10 -25.57
CA GLY B 44 15.42 -5.65 -25.41
C GLY B 44 15.80 -5.37 -23.97
N GLU B 45 17.10 -5.22 -23.71
CA GLU B 45 17.62 -4.97 -22.36
C GLU B 45 18.83 -4.06 -22.39
N VAL B 46 19.00 -3.24 -21.35
CA VAL B 46 20.25 -2.50 -21.13
C VAL B 46 20.72 -2.76 -19.70
N PRO B 47 22.02 -2.66 -19.43
CA PRO B 47 22.49 -2.82 -18.04
C PRO B 47 22.11 -1.64 -17.21
N VAL B 48 21.71 -1.92 -15.96
CA VAL B 48 21.15 -0.90 -15.07
C VAL B 48 21.87 -0.99 -13.74
N SER B 49 22.07 0.18 -13.10
CA SER B 49 22.58 0.28 -11.73
C SER B 49 21.56 1.03 -10.92
N ILE B 50 21.27 0.53 -9.73
CA ILE B 50 20.43 1.28 -8.78
C ILE B 50 21.25 1.71 -7.59
N ILE B 51 21.24 3.01 -7.30
N ILE B 51 21.20 3.02 -7.27
CA ILE B 51 21.97 3.54 -6.13
CA ILE B 51 21.95 3.58 -6.13
C ILE B 51 21.08 4.58 -5.51
C ILE B 51 21.41 4.97 -5.85
N ASN B 52 20.98 4.55 -4.18
N ASN B 52 21.38 5.40 -4.57
CA ASN B 52 20.07 5.39 -3.42
CA ASN B 52 20.96 6.75 -4.20
C ASN B 52 18.71 5.28 -4.10
C ASN B 52 19.53 7.04 -4.65
N ASN B 53 18.06 6.40 -4.45
N ASN B 53 18.68 6.00 -4.63
CA ASN B 53 16.82 6.42 -5.19
CA ASN B 53 17.26 6.13 -5.00
C ASN B 53 17.03 6.75 -6.66
C ASN B 53 17.13 6.62 -6.43
N THR B 54 18.13 6.30 -7.26
CA THR B 54 18.32 6.71 -8.64
C THR B 54 18.57 5.49 -9.51
N VAL B 55 18.04 5.52 -10.73
CA VAL B 55 18.32 4.48 -11.73
C VAL B 55 19.32 5.02 -12.75
N TYR B 56 20.39 4.26 -13.00
CA TYR B 56 21.40 4.54 -14.01
C TYR B 56 21.42 3.44 -15.04
N THR B 57 21.85 3.80 -16.24
CA THR B 57 22.25 2.80 -17.21
C THR B 57 23.65 3.13 -17.71
N LYS B 58 24.34 2.10 -18.18
N LYS B 58 24.33 2.10 -18.18
CA LYS B 58 25.71 2.22 -18.60
CA LYS B 58 25.71 2.22 -18.61
C LYS B 58 25.74 2.53 -20.10
C LYS B 58 25.72 2.54 -20.10
N VAL B 59 26.37 3.65 -20.46
CA VAL B 59 26.49 4.06 -21.85
C VAL B 59 27.97 4.26 -22.11
N ASP B 60 28.56 3.38 -22.94
CA ASP B 60 29.94 3.48 -23.33
C ASP B 60 30.84 3.61 -22.10
N GLY B 61 30.62 2.73 -21.15
CA GLY B 61 31.53 2.62 -20.03
C GLY B 61 31.22 3.49 -18.84
N VAL B 62 30.23 4.40 -18.92
CA VAL B 62 29.95 5.25 -17.77
C VAL B 62 28.44 5.28 -17.52
N ASP B 63 28.10 5.63 -16.28
CA ASP B 63 26.73 5.59 -15.81
C ASP B 63 26.02 6.89 -16.17
N VAL B 64 24.79 6.76 -16.70
CA VAL B 64 23.97 7.90 -17.03
C VAL B 64 22.66 7.77 -16.26
N GLU B 65 22.27 8.85 -15.60
CA GLU B 65 21.00 8.86 -14.84
C GLU B 65 19.76 8.78 -15.75
N LEU B 66 18.91 7.79 -15.52
CA LEU B 66 17.61 7.73 -16.21
C LEU B 66 16.44 8.22 -15.37
N PHE B 67 16.54 8.12 -14.04
CA PHE B 67 15.37 8.41 -13.19
C PHE B 67 15.81 8.66 -11.75
N GLU B 68 15.31 9.75 -11.15
CA GLU B 68 15.53 10.03 -9.75
C GLU B 68 14.19 9.91 -9.05
N ASN B 69 14.11 8.98 -8.10
CA ASN B 69 12.84 8.68 -7.43
C ASN B 69 12.52 9.78 -6.43
N LYS B 70 11.43 10.51 -6.65
CA LYS B 70 10.88 11.44 -5.66
C LYS B 70 9.59 10.93 -5.00
N THR B 71 9.23 9.67 -5.21
CA THR B 71 7.98 9.12 -4.69
C THR B 71 8.28 8.42 -3.39
N THR B 72 7.22 7.96 -2.72
CA THR B 72 7.39 7.10 -1.57
C THR B 72 7.38 5.59 -1.92
N LEU B 73 7.40 5.24 -3.18
CA LEU B 73 7.51 3.86 -3.64
C LEU B 73 8.97 3.44 -3.75
N PRO B 74 9.25 2.12 -3.80
CA PRO B 74 10.64 1.67 -4.12
C PRO B 74 11.11 2.22 -5.45
N VAL B 75 12.39 2.59 -5.48
CA VAL B 75 12.95 3.24 -6.68
C VAL B 75 12.63 2.47 -7.98
N ASN B 76 12.79 1.14 -8.00
CA ASN B 76 12.61 0.42 -9.28
C ASN B 76 11.12 0.34 -9.69
N VAL B 77 10.23 0.33 -8.70
CA VAL B 77 8.78 0.34 -8.91
C VAL B 77 8.34 1.68 -9.45
N ALA B 78 8.77 2.76 -8.81
CA ALA B 78 8.47 4.10 -9.30
C ALA B 78 8.98 4.32 -10.71
N PHE B 79 10.18 3.83 -11.02
CA PHE B 79 10.73 3.91 -12.38
C PHE B 79 9.80 3.28 -13.41
N GLU B 80 9.30 2.09 -13.12
CA GLU B 80 8.41 1.39 -14.04
C GLU B 80 7.08 2.13 -14.21
N LEU B 81 6.51 2.66 -13.14
CA LEU B 81 5.25 3.42 -13.27
C LEU B 81 5.46 4.70 -14.05
N TRP B 82 6.58 5.37 -13.82
CA TRP B 82 6.89 6.57 -14.60
C TRP B 82 7.10 6.22 -16.06
N ALA B 83 7.86 5.16 -16.34
CA ALA B 83 8.03 4.76 -17.74
C ALA B 83 6.68 4.41 -18.41
N LYS B 84 5.71 3.88 -17.65
CA LYS B 84 4.43 3.45 -18.17
C LYS B 84 3.34 4.52 -18.06
N ARG B 85 3.75 5.77 -17.89
CA ARG B 85 2.80 6.87 -17.74
C ARG B 85 2.03 7.09 -19.04
N ASN B 86 0.78 7.54 -18.90
CA ASN B 86 -0.04 7.90 -20.05
C ASN B 86 0.57 9.12 -20.71
N ILE B 87 0.89 9.00 -21.99
CA ILE B 87 1.51 10.09 -22.74
C ILE B 87 0.52 10.74 -23.71
N LYS B 88 -0.77 10.49 -23.55
CA LYS B 88 -1.81 11.22 -24.25
C LYS B 88 -2.32 12.33 -23.35
N PRO B 89 -3.05 13.32 -23.88
CA PRO B 89 -3.70 14.27 -22.97
C PRO B 89 -4.61 13.52 -22.03
N VAL B 90 -4.47 13.81 -20.72
CA VAL B 90 -5.32 13.22 -19.70
C VAL B 90 -5.84 14.34 -18.81
N PRO B 91 -6.95 14.10 -18.07
CA PRO B 91 -7.48 15.11 -17.13
C PRO B 91 -6.39 15.52 -16.15
N GLU B 92 -6.40 16.80 -15.77
CA GLU B 92 -5.52 17.21 -14.69
C GLU B 92 -5.91 16.48 -13.40
N VAL B 93 -4.90 16.24 -12.60
CA VAL B 93 -5.11 15.48 -11.37
C VAL B 93 -6.15 16.10 -10.47
N LYS B 94 -6.21 17.44 -10.39
CA LYS B 94 -7.22 18.05 -9.53
C LYS B 94 -8.64 17.66 -9.93
N ILE B 95 -8.91 17.49 -11.22
CA ILE B 95 -10.24 17.05 -11.68
C ILE B 95 -10.51 15.61 -11.27
N LEU B 96 -9.55 14.72 -11.50
CA LEU B 96 -9.69 13.33 -11.04
C LEU B 96 -9.91 13.25 -9.53
N ASN B 97 -9.11 14.00 -8.75
CA ASN B 97 -9.30 13.99 -7.30
C ASN B 97 -10.69 14.51 -6.92
N ASN B 98 -11.12 15.59 -7.55
CA ASN B 98 -12.42 16.17 -7.23
C ASN B 98 -13.55 15.20 -7.56
N LEU B 99 -13.37 14.36 -8.57
CA LEU B 99 -14.39 13.38 -8.91
C LEU B 99 -14.23 12.08 -8.13
N GLY B 100 -13.29 12.01 -7.20
CA GLY B 100 -13.20 10.85 -6.34
C GLY B 100 -12.47 9.67 -6.92
N VAL B 101 -11.65 9.85 -7.96
CA VAL B 101 -10.96 8.74 -8.62
C VAL B 101 -9.93 8.13 -7.69
N ASP B 102 -9.95 6.80 -7.56
CA ASP B 102 -9.01 6.07 -6.69
C ASP B 102 -7.89 5.36 -7.45
N ILE B 103 -8.11 5.03 -8.72
CA ILE B 103 -7.20 4.15 -9.45
C ILE B 103 -7.57 4.23 -10.93
N ALA B 104 -6.63 3.89 -11.82
CA ALA B 104 -6.91 3.97 -13.25
C ALA B 104 -6.90 2.56 -13.87
N ALA B 105 -7.78 2.34 -14.87
CA ALA B 105 -7.79 1.10 -15.63
C ALA B 105 -6.62 1.03 -16.64
N ASN B 106 -5.64 0.15 -16.39
CA ASN B 106 -4.65 -0.23 -17.40
C ASN B 106 -3.85 0.96 -17.94
N THR B 107 -3.56 1.92 -17.07
CA THR B 107 -2.67 3.02 -17.39
C THR B 107 -2.17 3.63 -16.09
N VAL B 108 -1.23 4.57 -16.19
CA VAL B 108 -0.70 5.29 -15.03
C VAL B 108 -0.89 6.76 -15.29
N ILE B 109 -1.64 7.44 -14.43
CA ILE B 109 -1.75 8.88 -14.53
C ILE B 109 -0.57 9.44 -13.69
N TRP B 110 0.45 10.02 -14.35
CA TRP B 110 1.60 10.55 -13.58
C TRP B 110 1.27 11.95 -13.11
N ASP B 111 1.53 12.25 -11.81
CA ASP B 111 1.24 13.56 -11.19
C ASP B 111 2.54 14.38 -11.27
N TYR B 112 2.62 15.28 -12.23
CA TYR B 112 3.84 16.04 -12.42
C TYR B 112 4.02 17.12 -11.35
N LYS B 113 2.95 17.49 -10.62
CA LYS B 113 3.14 18.41 -9.52
C LYS B 113 3.83 17.74 -8.35
N ARG B 114 3.58 16.47 -8.15
CA ARG B 114 4.17 15.72 -7.06
C ARG B 114 5.35 14.85 -7.50
N ASP B 115 5.62 14.77 -8.82
CA ASP B 115 6.60 13.84 -9.38
C ASP B 115 6.35 12.43 -8.89
N ALA B 116 5.12 11.95 -9.05
CA ALA B 116 4.75 10.68 -8.45
C ALA B 116 3.46 10.19 -9.12
N PRO B 117 3.14 8.91 -9.02
CA PRO B 117 1.85 8.43 -9.58
C PRO B 117 0.71 9.16 -8.88
N ALA B 118 -0.32 9.50 -9.63
CA ALA B 118 -1.51 10.10 -9.00
C ALA B 118 -2.21 9.12 -8.09
N HIS B 119 -2.05 7.82 -8.31
CA HIS B 119 -2.75 6.77 -7.57
C HIS B 119 -1.78 5.74 -7.03
N ILE B 120 -2.11 5.20 -5.86
CA ILE B 120 -1.20 4.32 -5.13
C ILE B 120 -1.10 2.94 -5.81
N SER B 121 -2.21 2.43 -6.29
CA SER B 121 -2.27 1.09 -6.85
C SER B 121 -2.54 1.15 -8.34
N THR B 122 -2.40 0.01 -8.99
CA THR B 122 -2.66 -0.03 -10.42
C THR B 122 -3.51 -1.25 -10.75
N ILE B 123 -3.94 -1.30 -12.00
CA ILE B 123 -4.73 -2.40 -12.57
C ILE B 123 -4.06 -2.74 -13.91
N GLY B 124 -3.45 -3.91 -13.99
CA GLY B 124 -2.81 -4.36 -15.22
C GLY B 124 -1.62 -3.56 -15.71
N VAL B 125 -0.82 -2.98 -14.82
CA VAL B 125 0.33 -2.18 -15.19
C VAL B 125 1.64 -2.77 -14.66
N CYS B 126 1.67 -3.17 -13.41
CA CYS B 126 2.96 -3.37 -12.75
C CYS B 126 2.78 -4.42 -11.68
N SER B 127 3.60 -5.46 -11.68
CA SER B 127 3.31 -6.60 -10.81
C SER B 127 3.55 -6.25 -9.35
N MET B 128 4.31 -5.19 -9.05
CA MET B 128 4.44 -4.84 -7.64
C MET B 128 3.25 -4.01 -7.14
N THR B 129 2.59 -3.23 -8.01
CA THR B 129 1.52 -2.34 -7.54
C THR B 129 0.11 -2.76 -7.97
N ASP B 130 -0.03 -3.75 -8.88
CA ASP B 130 -1.35 -4.16 -9.34
C ASP B 130 -2.16 -4.76 -8.21
N ILE B 131 -3.42 -4.33 -8.08
CA ILE B 131 -4.36 -5.07 -7.25
C ILE B 131 -5.20 -6.04 -8.08
N ALA B 132 -5.12 -5.92 -9.41
CA ALA B 132 -5.89 -6.72 -10.34
C ALA B 132 -5.25 -6.57 -11.72
N LYS B 133 -5.54 -7.53 -12.61
CA LYS B 133 -5.11 -7.35 -14.01
C LYS B 133 -6.18 -6.69 -14.86
N LYS B 134 -7.45 -6.87 -14.51
CA LYS B 134 -8.55 -6.24 -15.22
C LYS B 134 -9.49 -5.54 -14.25
N PRO B 135 -10.09 -4.44 -14.67
CA PRO B 135 -10.96 -3.70 -13.75
C PRO B 135 -12.26 -4.42 -13.45
N THR B 136 -12.55 -5.55 -14.11
CA THR B 136 -13.75 -6.31 -13.78
C THR B 136 -13.58 -7.21 -12.57
N GLU B 137 -12.35 -7.41 -12.08
CA GLU B 137 -12.16 -8.25 -10.91
C GLU B 137 -12.85 -7.61 -9.69
N THR B 138 -13.30 -8.46 -8.77
CA THR B 138 -14.17 -7.97 -7.71
C THR B 138 -13.45 -7.07 -6.72
N ILE B 139 -12.12 -7.19 -6.58
CA ILE B 139 -11.38 -6.26 -5.73
C ILE B 139 -11.56 -4.81 -6.19
N CYS B 140 -11.91 -4.58 -7.46
CA CYS B 140 -12.03 -3.22 -7.99
C CYS B 140 -13.40 -2.60 -7.76
N ALA B 141 -14.42 -3.42 -7.48
CA ALA B 141 -15.77 -2.91 -7.33
C ALA B 141 -15.90 -1.76 -6.33
N PRO B 142 -15.32 -1.80 -5.13
CA PRO B 142 -15.48 -0.64 -4.23
C PRO B 142 -14.67 0.60 -4.63
N LEU B 143 -13.80 0.52 -5.63
CA LEU B 143 -12.94 1.65 -5.99
C LEU B 143 -13.50 2.42 -7.17
N THR B 144 -13.37 3.75 -7.15
CA THR B 144 -13.72 4.53 -8.34
C THR B 144 -12.57 4.45 -9.37
N VAL B 145 -12.81 3.68 -10.42
CA VAL B 145 -11.81 3.40 -11.44
C VAL B 145 -11.96 4.44 -12.54
N PHE B 146 -10.82 5.00 -13.00
CA PHE B 146 -10.82 5.88 -14.17
C PHE B 146 -10.73 5.07 -15.47
N PHE B 147 -11.68 5.32 -16.39
CA PHE B 147 -11.77 4.66 -17.70
C PHE B 147 -11.60 5.70 -18.81
N ASP B 148 -10.91 5.31 -19.88
CA ASP B 148 -10.54 6.23 -20.95
C ASP B 148 -11.17 5.66 -22.21
N GLY B 149 -12.26 6.29 -22.66
CA GLY B 149 -13.04 5.87 -23.79
C GLY B 149 -12.31 5.94 -25.09
N ARG B 150 -11.15 6.59 -25.13
CA ARG B 150 -10.31 6.50 -26.30
C ARG B 150 -9.61 5.16 -26.43
N VAL B 151 -9.62 4.31 -25.41
CA VAL B 151 -9.00 2.99 -25.51
C VAL B 151 -10.10 1.96 -25.76
N ASP B 152 -9.88 1.10 -26.75
CA ASP B 152 -10.84 0.05 -27.10
C ASP B 152 -11.29 -0.72 -25.86
N GLY B 153 -12.60 -0.86 -25.70
CA GLY B 153 -13.13 -1.67 -24.64
C GLY B 153 -13.43 -0.94 -23.35
N GLN B 154 -12.91 0.26 -23.13
CA GLN B 154 -13.05 0.82 -21.79
C GLN B 154 -14.45 1.37 -21.51
N VAL B 155 -15.17 1.86 -22.51
CA VAL B 155 -16.56 2.27 -22.26
C VAL B 155 -17.35 1.08 -21.73
N ASP B 156 -17.19 -0.09 -22.36
CA ASP B 156 -17.92 -1.27 -21.87
C ASP B 156 -17.52 -1.62 -20.45
N LEU B 157 -16.24 -1.49 -20.12
CA LEU B 157 -15.80 -1.75 -18.74
C LEU B 157 -16.43 -0.76 -17.76
N PHE B 158 -16.53 0.51 -18.15
CA PHE B 158 -17.22 1.48 -17.31
C PHE B 158 -18.66 1.03 -17.03
N ARG B 159 -19.36 0.56 -18.06
CA ARG B 159 -20.74 0.13 -17.88
C ARG B 159 -20.85 -1.03 -16.91
N ASN B 160 -19.87 -1.94 -16.90
CA ASN B 160 -19.87 -3.06 -15.97
C ASN B 160 -19.30 -2.71 -14.58
N ALA B 161 -18.61 -1.58 -14.41
CA ALA B 161 -17.97 -1.26 -13.13
C ALA B 161 -19.00 -0.72 -12.13
N ARG B 162 -18.82 -1.05 -10.84
N ARG B 162 -18.80 -1.06 -10.84
CA ARG B 162 -19.72 -0.48 -9.83
CA ARG B 162 -19.65 -0.53 -9.78
C ARG B 162 -19.45 1.00 -9.61
C ARG B 162 -19.43 0.96 -9.59
N ASN B 163 -18.17 1.38 -9.54
CA ASN B 163 -17.77 2.76 -9.27
C ASN B 163 -16.74 3.18 -10.32
N GLY B 164 -16.93 4.34 -10.94
CA GLY B 164 -15.96 4.74 -11.94
C GLY B 164 -16.24 6.12 -12.49
N VAL B 165 -15.24 6.61 -13.21
CA VAL B 165 -15.28 7.86 -13.96
C VAL B 165 -14.80 7.55 -15.36
N LEU B 166 -15.57 7.99 -16.36
CA LEU B 166 -15.23 7.75 -17.76
C LEU B 166 -15.02 9.07 -18.47
N ILE B 167 -13.96 9.16 -19.32
CA ILE B 167 -13.87 10.27 -20.27
C ILE B 167 -13.99 9.74 -21.68
N THR B 168 -14.59 10.54 -22.59
CA THR B 168 -14.68 10.20 -24.00
C THR B 168 -14.48 11.46 -24.83
N GLU B 169 -14.19 11.26 -26.12
CA GLU B 169 -14.20 12.37 -27.06
C GLU B 169 -15.57 12.61 -27.68
N GLY B 170 -16.48 11.66 -27.59
CA GLY B 170 -17.74 11.75 -28.30
C GLY B 170 -18.86 11.21 -27.45
N SER B 171 -20.07 11.17 -28.00
CA SER B 171 -21.22 10.71 -27.22
C SER B 171 -21.13 9.20 -26.99
N VAL B 172 -21.71 8.76 -25.87
CA VAL B 172 -21.87 7.35 -25.55
C VAL B 172 -23.37 7.08 -25.49
N LYS B 173 -23.83 6.08 -26.23
CA LYS B 173 -25.26 6.00 -26.45
C LYS B 173 -26.03 5.87 -25.14
N GLY B 174 -27.03 6.74 -24.98
CA GLY B 174 -27.85 6.70 -23.78
C GLY B 174 -27.28 7.36 -22.54
N LEU B 175 -25.98 7.67 -22.48
CA LEU B 175 -25.41 8.30 -21.28
C LEU B 175 -25.45 9.82 -21.41
N GLN B 176 -25.89 10.51 -20.35
CA GLN B 176 -25.93 11.99 -20.36
C GLN B 176 -24.54 12.53 -20.01
N PRO B 177 -23.89 13.29 -20.90
CA PRO B 177 -22.53 13.75 -20.63
C PRO B 177 -22.49 15.04 -19.83
N SER B 178 -21.32 15.29 -19.24
CA SER B 178 -20.91 16.58 -18.71
C SER B 178 -19.68 17.05 -19.50
N VAL B 179 -19.75 18.24 -20.07
CA VAL B 179 -18.66 18.78 -20.85
C VAL B 179 -17.55 19.24 -19.89
N GLY B 180 -16.36 18.66 -20.02
CA GLY B 180 -15.27 18.99 -19.12
C GLY B 180 -14.54 20.29 -19.44
N PRO B 181 -13.47 20.53 -18.69
CA PRO B 181 -12.62 21.70 -18.96
C PRO B 181 -12.05 21.67 -20.38
N LYS B 182 -11.77 22.85 -20.92
CA LYS B 182 -11.17 22.92 -22.25
C LYS B 182 -9.75 22.34 -22.27
N GLN B 183 -9.02 22.40 -21.15
CA GLN B 183 -7.62 22.04 -21.08
C GLN B 183 -7.42 20.64 -20.53
N ALA B 184 -6.25 20.06 -20.84
CA ALA B 184 -5.86 18.77 -20.30
C ALA B 184 -4.33 18.78 -20.18
N SER B 185 -3.79 17.72 -19.63
CA SER B 185 -2.36 17.65 -19.34
C SER B 185 -1.73 16.68 -20.32
N LEU B 186 -0.67 17.12 -21.00
CA LEU B 186 0.05 16.26 -21.92
C LEU B 186 1.51 16.25 -21.48
N ASN B 187 1.98 15.13 -20.94
CA ASN B 187 3.36 15.03 -20.41
C ASN B 187 3.69 16.15 -19.45
N GLY B 188 2.76 16.45 -18.57
CA GLY B 188 2.90 17.48 -17.55
C GLY B 188 2.75 18.90 -18.03
N VAL B 189 2.45 19.11 -19.31
CA VAL B 189 2.15 20.44 -19.85
C VAL B 189 0.63 20.57 -19.91
N THR B 190 0.06 21.56 -19.22
CA THR B 190 -1.38 21.81 -19.30
C THR B 190 -1.65 22.72 -20.48
N LEU B 191 -2.58 22.32 -21.34
CA LEU B 191 -2.74 23.03 -22.61
C LEU B 191 -4.15 22.78 -23.15
N ILE B 192 -4.64 23.73 -23.95
CA ILE B 192 -5.87 23.55 -24.73
C ILE B 192 -5.45 23.08 -26.12
N GLY B 193 -5.79 21.86 -26.47
CA GLY B 193 -5.21 21.24 -27.65
C GLY B 193 -5.72 21.85 -28.95
N GLU B 194 -4.80 21.98 -29.91
CA GLU B 194 -5.10 22.32 -31.29
C GLU B 194 -4.74 21.21 -32.25
N ALA B 195 -3.63 20.51 -32.02
CA ALA B 195 -3.28 19.33 -32.80
C ALA B 195 -3.86 18.05 -32.21
N VAL B 196 -4.40 18.13 -31.00
CA VAL B 196 -4.95 17.00 -30.27
C VAL B 196 -6.20 17.50 -29.54
N LYS B 197 -7.08 16.58 -29.20
CA LYS B 197 -8.30 16.95 -28.46
C LYS B 197 -8.01 16.88 -26.97
N THR B 198 -8.34 17.96 -26.24
CA THR B 198 -8.20 17.96 -24.77
C THR B 198 -9.52 18.17 -24.06
N GLN B 199 -10.62 18.38 -24.77
CA GLN B 199 -11.91 18.59 -24.11
C GLN B 199 -12.69 17.30 -24.17
N PHE B 200 -13.03 16.76 -23.01
CA PHE B 200 -13.70 15.49 -22.94
C PHE B 200 -15.11 15.65 -22.36
N ASN B 201 -15.96 14.71 -22.72
CA ASN B 201 -17.16 14.41 -21.95
C ASN B 201 -16.77 13.63 -20.71
N TYR B 202 -17.44 13.91 -19.57
CA TYR B 202 -17.26 13.17 -18.34
C TYR B 202 -18.51 12.44 -17.93
N TYR B 203 -18.32 11.24 -17.35
CA TYR B 203 -19.41 10.43 -16.81
C TYR B 203 -18.93 9.82 -15.49
N LYS B 204 -19.87 9.57 -14.58
CA LYS B 204 -19.48 9.06 -13.26
C LYS B 204 -20.55 8.11 -12.75
N LYS B 205 -20.12 7.02 -12.13
CA LYS B 205 -21.04 6.04 -11.52
C LYS B 205 -20.65 5.85 -10.08
N VAL B 206 -21.66 5.70 -9.21
CA VAL B 206 -21.45 5.42 -7.79
C VAL B 206 -22.39 4.28 -7.39
N ASP B 207 -21.83 3.21 -6.82
CA ASP B 207 -22.63 2.08 -6.33
C ASP B 207 -23.51 1.53 -7.45
N GLY B 208 -23.00 1.55 -8.67
CA GLY B 208 -23.68 0.93 -9.78
C GLY B 208 -24.59 1.87 -10.51
N VAL B 209 -24.69 3.11 -10.07
CA VAL B 209 -25.71 4.01 -10.59
C VAL B 209 -25.01 5.19 -11.23
N VAL B 210 -25.41 5.52 -12.45
CA VAL B 210 -24.85 6.70 -13.08
C VAL B 210 -25.31 7.93 -12.31
N GLN B 211 -24.38 8.85 -12.08
CA GLN B 211 -24.62 10.05 -11.28
C GLN B 211 -24.61 11.29 -12.16
N GLN B 212 -25.58 12.17 -11.94
CA GLN B 212 -25.59 13.47 -12.60
C GLN B 212 -24.47 14.36 -12.06
N LEU B 213 -23.50 14.70 -12.92
CA LEU B 213 -22.44 15.62 -12.50
C LEU B 213 -22.99 17.05 -12.44
N PRO B 214 -22.54 17.86 -11.47
CA PRO B 214 -23.15 19.17 -11.27
C PRO B 214 -22.73 20.16 -12.35
N GLU B 215 -23.56 21.18 -12.55
CA GLU B 215 -23.13 22.38 -13.28
C GLU B 215 -21.97 22.98 -12.52
N THR B 216 -20.94 23.42 -13.23
CA THR B 216 -19.69 23.78 -12.58
C THR B 216 -18.96 24.85 -13.37
N TYR B 217 -18.26 25.73 -12.65
CA TYR B 217 -17.19 26.50 -13.28
C TYR B 217 -15.94 25.63 -13.37
N PHE B 218 -14.98 26.03 -14.19
CA PHE B 218 -13.67 25.39 -14.21
C PHE B 218 -12.57 26.41 -13.94
N THR B 219 -11.54 26.00 -13.20
CA THR B 219 -10.35 26.86 -13.10
C THR B 219 -9.58 26.76 -14.42
N GLN B 220 -8.69 27.74 -14.66
CA GLN B 220 -8.03 27.92 -15.95
C GLN B 220 -6.60 27.37 -16.01
N SER B 221 -6.03 26.98 -14.88
CA SER B 221 -4.76 26.24 -14.87
C SER B 221 -3.59 27.04 -15.45
N ARG B 222 -3.58 28.35 -15.21
CA ARG B 222 -2.51 29.18 -15.75
C ARG B 222 -1.41 29.31 -14.72
N ASN B 223 -0.26 29.82 -15.13
CA ASN B 223 0.74 30.05 -14.11
C ASN B 223 1.18 31.51 -14.14
N LEU B 224 1.90 31.85 -13.08
CA LEU B 224 2.13 33.24 -12.69
C LEU B 224 2.81 34.02 -13.79
N GLN B 225 3.86 33.44 -14.39
CA GLN B 225 4.76 34.20 -15.24
C GLN B 225 4.35 34.15 -16.71
N GLU B 226 3.75 33.06 -17.17
CA GLU B 226 3.27 32.94 -18.52
C GLU B 226 1.80 33.29 -18.65
N PHE B 227 1.27 34.08 -17.72
CA PHE B 227 -0.16 34.29 -17.66
C PHE B 227 -0.63 35.04 -18.89
N LYS B 228 -1.60 34.47 -19.61
CA LYS B 228 -2.19 35.11 -20.76
C LYS B 228 -3.69 35.26 -20.55
N PRO B 229 -4.26 36.42 -20.84
CA PRO B 229 -5.69 36.62 -20.59
C PRO B 229 -6.54 35.89 -21.63
N ARG B 230 -7.77 35.58 -21.22
CA ARG B 230 -8.63 34.76 -22.07
C ARG B 230 -9.98 35.41 -22.32
N SER B 231 -10.08 36.72 -22.15
CA SER B 231 -11.32 37.46 -22.39
C SER B 231 -11.00 38.94 -22.43
N GLN B 232 -11.94 39.70 -22.99
CA GLN B 232 -11.76 41.15 -23.05
C GLN B 232 -11.66 41.75 -21.66
N MET B 233 -12.46 41.25 -20.72
CA MET B 233 -12.37 41.73 -19.35
C MET B 233 -10.98 41.50 -18.78
N GLU B 234 -10.38 40.34 -19.09
CA GLU B 234 -9.06 40.03 -18.56
C GLU B 234 -7.99 40.88 -19.23
N ILE B 235 -8.13 41.15 -20.53
CA ILE B 235 -7.25 42.12 -21.17
C ILE B 235 -7.37 43.46 -20.49
N ASP B 236 -8.61 43.94 -20.32
CA ASP B 236 -8.83 45.24 -19.67
C ASP B 236 -8.18 45.29 -18.29
N PHE B 237 -8.42 44.27 -17.47
CA PHE B 237 -7.81 44.26 -16.14
C PHE B 237 -6.29 44.38 -16.19
N LEU B 238 -5.65 43.69 -17.13
CA LEU B 238 -4.20 43.82 -17.20
C LEU B 238 -3.79 45.19 -17.73
N GLU B 239 -4.62 45.81 -18.57
CA GLU B 239 -4.22 47.04 -19.26
C GLU B 239 -4.66 48.30 -18.54
N LEU B 240 -5.90 48.37 -18.07
CA LEU B 240 -6.38 49.60 -17.49
C LEU B 240 -5.85 49.81 -16.09
N ALA B 241 -5.99 51.05 -15.60
CA ALA B 241 -5.77 51.31 -14.19
C ALA B 241 -6.96 50.79 -13.40
N MET B 242 -6.73 50.50 -12.11
CA MET B 242 -7.76 49.83 -11.32
C MET B 242 -9.02 50.68 -11.27
N ASP B 243 -8.87 51.98 -11.05
CA ASP B 243 -10.04 52.86 -11.01
C ASP B 243 -10.79 52.83 -12.32
N GLU B 244 -10.06 52.75 -13.44
CA GLU B 244 -10.72 52.69 -14.75
C GLU B 244 -11.44 51.36 -14.94
N PHE B 245 -10.74 50.26 -14.65
CA PHE B 245 -11.37 48.95 -14.80
C PHE B 245 -12.63 48.84 -13.95
N ILE B 246 -12.56 49.29 -12.70
CA ILE B 246 -13.70 49.18 -11.79
C ILE B 246 -14.89 49.97 -12.31
N GLU B 247 -14.63 51.15 -12.87
CA GLU B 247 -15.72 51.96 -13.41
C GLU B 247 -16.40 51.27 -14.58
N ARG B 248 -15.62 50.82 -15.56
CA ARG B 248 -16.22 50.21 -16.75
C ARG B 248 -17.06 49.00 -16.40
N TYR B 249 -16.58 48.13 -15.53
CA TYR B 249 -17.32 46.91 -15.24
C TYR B 249 -18.25 47.06 -14.03
N LYS B 250 -18.51 48.30 -13.61
CA LYS B 250 -19.51 48.60 -12.60
C LYS B 250 -19.32 47.74 -11.35
N LEU B 251 -18.10 47.77 -10.81
CA LEU B 251 -17.74 46.91 -9.68
C LEU B 251 -17.66 47.68 -8.36
N GLU B 252 -18.15 48.91 -8.29
CA GLU B 252 -18.06 49.66 -7.04
C GLU B 252 -18.79 48.93 -5.92
N GLY B 253 -18.19 48.90 -4.73
CA GLY B 253 -18.79 48.24 -3.60
C GLY B 253 -18.47 46.76 -3.47
N TYR B 254 -17.78 46.17 -4.45
CA TYR B 254 -17.39 44.77 -4.39
C TYR B 254 -15.95 44.57 -3.95
N ALA B 255 -15.29 45.61 -3.45
CA ALA B 255 -13.92 45.51 -2.89
C ALA B 255 -12.98 44.83 -3.87
N PHE B 256 -13.20 45.06 -5.15
CA PHE B 256 -12.52 44.29 -6.18
C PHE B 256 -11.04 44.48 -6.08
N GLU B 257 -10.60 45.71 -5.88
CA GLU B 257 -9.19 45.97 -5.74
C GLU B 257 -8.61 45.12 -4.62
N HIS B 258 -9.07 45.32 -3.38
CA HIS B 258 -8.64 44.49 -2.26
C HIS B 258 -8.60 43.01 -2.65
N ILE B 259 -9.72 42.48 -3.15
CA ILE B 259 -9.83 41.03 -3.35
C ILE B 259 -8.92 40.54 -4.46
N VAL B 260 -8.90 41.23 -5.60
CA VAL B 260 -8.19 40.73 -6.76
C VAL B 260 -6.75 41.22 -6.79
N TYR B 261 -6.57 42.52 -6.57
CA TYR B 261 -5.31 43.20 -6.75
C TYR B 261 -4.47 43.24 -5.50
N GLY B 262 -5.07 43.13 -4.32
CA GLY B 262 -4.29 43.08 -3.08
C GLY B 262 -3.99 44.45 -2.50
N ASP B 263 -3.80 44.47 -1.19
CA ASP B 263 -3.43 45.67 -0.43
C ASP B 263 -2.08 45.38 0.23
N PHE B 264 -1.03 46.10 -0.17
CA PHE B 264 0.32 45.85 0.34
C PHE B 264 0.76 46.91 1.37
N SER B 265 -0.18 47.69 1.92
CA SER B 265 0.20 48.84 2.72
C SER B 265 0.47 48.49 4.18
N HIS B 266 0.00 47.35 4.65
CA HIS B 266 0.17 46.92 6.03
C HIS B 266 1.07 45.70 6.11
N SER B 267 1.51 45.46 7.34
CA SER B 267 2.29 44.28 7.71
C SER B 267 1.72 42.98 7.12
N GLN B 268 0.43 42.76 7.35
CA GLN B 268 -0.28 41.61 6.81
C GLN B 268 -0.87 42.00 5.45
N LEU B 269 -0.54 41.21 4.41
CA LEU B 269 -1.00 41.45 3.04
C LEU B 269 -2.51 41.21 2.96
N GLY B 270 -3.26 42.19 2.49
CA GLY B 270 -4.70 42.08 2.42
C GLY B 270 -5.13 41.59 1.05
N GLY B 271 -6.06 40.67 1.03
CA GLY B 271 -6.68 40.32 -0.25
C GLY B 271 -5.83 39.41 -1.14
N LEU B 272 -5.86 39.66 -2.45
CA LEU B 272 -5.03 38.97 -3.46
C LEU B 272 -5.38 37.47 -3.61
N HIS B 273 -6.59 37.17 -4.10
CA HIS B 273 -7.08 35.78 -4.15
C HIS B 273 -7.34 35.24 -5.53
N LEU B 274 -7.11 36.03 -6.58
CA LEU B 274 -7.31 35.60 -7.97
C LEU B 274 -5.96 35.59 -8.66
N LEU B 275 -5.67 34.54 -9.41
CA LEU B 275 -4.34 34.40 -10.00
C LEU B 275 -3.99 35.59 -10.91
N ILE B 276 -4.98 36.11 -11.65
CA ILE B 276 -4.71 37.24 -12.53
C ILE B 276 -4.19 38.45 -11.76
N GLY B 277 -4.65 38.64 -10.52
CA GLY B 277 -4.14 39.76 -9.73
C GLY B 277 -2.70 39.55 -9.30
N LEU B 278 -2.36 38.33 -8.89
CA LEU B 278 -0.95 38.01 -8.65
C LEU B 278 -0.12 38.18 -9.93
N ALA B 279 -0.69 37.83 -11.09
CA ALA B 279 0.05 37.93 -12.35
C ALA B 279 0.38 39.37 -12.64
N LYS B 280 -0.58 40.27 -12.40
CA LYS B 280 -0.35 41.68 -12.63
C LYS B 280 0.65 42.23 -11.64
N ARG B 281 0.49 41.92 -10.35
N ARG B 281 0.49 41.91 -10.36
CA ARG B 281 1.49 42.40 -9.38
CA ARG B 281 1.44 42.37 -9.36
C ARG B 281 2.88 41.89 -9.72
C ARG B 281 2.85 41.88 -9.69
N PHE B 282 2.98 40.62 -10.14
CA PHE B 282 4.30 40.03 -10.37
C PHE B 282 5.02 40.69 -11.54
N LYS B 283 4.27 41.04 -12.58
CA LYS B 283 4.84 41.80 -13.69
C LYS B 283 5.44 43.11 -13.20
N GLU B 284 4.78 43.75 -12.24
CA GLU B 284 5.23 45.05 -11.75
C GLU B 284 6.36 44.91 -10.74
N SER B 285 6.27 43.94 -9.83
CA SER B 285 7.20 43.88 -8.73
C SER B 285 7.23 42.47 -8.17
N PRO B 286 8.37 41.80 -8.15
CA PRO B 286 8.38 40.38 -7.83
C PRO B 286 8.13 40.12 -6.35
N PHE B 287 7.63 38.93 -6.07
CA PHE B 287 7.36 38.50 -4.70
C PHE B 287 7.64 37.01 -4.63
N GLU B 288 7.76 36.49 -3.41
CA GLU B 288 7.99 35.07 -3.21
C GLU B 288 6.69 34.37 -2.86
N LEU B 289 6.47 33.18 -3.44
CA LEU B 289 5.28 32.37 -3.16
C LEU B 289 5.77 31.03 -2.66
N GLU B 290 5.58 30.74 -1.37
CA GLU B 290 5.98 29.42 -0.91
C GLU B 290 4.77 28.51 -1.03
N ASP B 291 4.92 27.47 -1.86
CA ASP B 291 3.88 26.48 -2.13
C ASP B 291 4.05 25.37 -1.11
N PHE B 292 3.50 25.60 0.11
CA PHE B 292 3.91 24.71 1.20
C PHE B 292 3.13 23.40 1.23
N ILE B 293 2.08 23.24 0.41
CA ILE B 293 1.48 21.93 0.14
C ILE B 293 1.56 21.68 -1.37
N PRO B 294 2.66 21.18 -1.89
CA PRO B 294 2.85 21.16 -3.34
C PRO B 294 2.07 20.02 -4.01
N MET B 295 0.86 20.27 -4.40
CA MET B 295 0.06 19.27 -5.15
C MET B 295 -0.91 20.05 -6.01
N ASP B 296 -1.57 19.35 -6.91
CA ASP B 296 -2.56 19.99 -7.79
C ASP B 296 -3.90 20.11 -7.06
N SER B 297 -4.45 21.32 -6.96
CA SER B 297 -5.78 21.49 -6.35
C SER B 297 -6.49 22.72 -6.90
N THR B 298 -7.82 22.65 -6.88
CA THR B 298 -8.63 23.77 -7.37
C THR B 298 -8.28 25.07 -6.67
N VAL B 299 -8.11 25.04 -5.34
CA VAL B 299 -7.69 26.22 -4.59
C VAL B 299 -6.28 25.93 -4.11
N LYS B 300 -5.38 26.91 -4.24
CA LYS B 300 -4.01 26.76 -3.75
C LYS B 300 -3.73 27.73 -2.61
N ASN B 301 -2.96 27.29 -1.62
CA ASN B 301 -2.59 28.14 -0.50
C ASN B 301 -1.09 28.44 -0.58
N TYR B 302 -0.71 29.72 -0.52
CA TYR B 302 0.69 30.13 -0.54
C TYR B 302 1.01 31.01 0.66
N PHE B 303 2.28 30.93 1.07
CA PHE B 303 2.88 31.85 2.04
C PHE B 303 3.58 32.90 1.18
N ILE B 304 3.02 34.11 1.13
CA ILE B 304 3.52 35.11 0.21
C ILE B 304 4.26 36.21 0.96
N THR B 305 5.38 36.66 0.36
CA THR B 305 6.16 37.79 0.88
C THR B 305 6.45 38.74 -0.28
N ASP B 306 5.96 39.97 -0.16
CA ASP B 306 6.21 40.99 -1.17
C ASP B 306 7.60 41.59 -1.01
N ALA B 307 8.42 41.52 -2.08
CA ALA B 307 9.81 41.95 -1.94
C ALA B 307 9.94 43.46 -1.81
N GLN B 308 9.05 44.23 -2.45
CA GLN B 308 9.20 45.68 -2.45
C GLN B 308 8.75 46.30 -1.12
N THR B 309 7.63 45.84 -0.55
CA THR B 309 7.10 46.45 0.67
C THR B 309 7.38 45.68 1.96
N GLY B 310 7.59 44.35 1.89
CA GLY B 310 7.64 43.55 3.10
C GLY B 310 6.28 43.13 3.62
N SER B 311 5.20 43.49 2.94
CA SER B 311 3.89 42.93 3.30
C SER B 311 3.88 41.40 3.05
N SER B 312 3.25 40.65 3.96
CA SER B 312 3.27 39.20 3.80
C SER B 312 2.01 38.57 4.39
N LYS B 313 1.80 37.29 4.06
CA LYS B 313 0.67 36.54 4.61
C LYS B 313 0.99 35.05 4.56
N CYS B 314 0.85 34.38 5.71
CA CYS B 314 1.21 32.95 5.80
C CYS B 314 0.30 32.07 4.98
N VAL B 315 -1.00 32.36 4.95
CA VAL B 315 -1.93 31.53 4.19
C VAL B 315 -2.71 32.45 3.27
N CYS B 316 -2.27 32.55 2.03
CA CYS B 316 -2.98 33.33 1.04
C CYS B 316 -3.62 32.35 0.06
N SER B 317 -4.95 32.30 0.09
CA SER B 317 -5.70 31.38 -0.76
C SER B 317 -5.92 31.99 -2.14
N VAL B 318 -5.66 31.22 -3.18
CA VAL B 318 -5.61 31.71 -4.55
C VAL B 318 -6.37 30.76 -5.45
N ILE B 319 -7.15 31.32 -6.35
CA ILE B 319 -7.81 30.49 -7.34
C ILE B 319 -7.65 31.14 -8.71
N ASP B 320 -7.50 30.33 -9.75
CA ASP B 320 -7.45 30.88 -11.13
C ASP B 320 -8.80 30.67 -11.83
N LEU B 321 -9.74 31.58 -11.57
CA LEU B 321 -10.97 31.62 -12.34
C LEU B 321 -10.81 32.66 -13.44
N LEU B 322 -11.41 32.39 -14.60
CA LEU B 322 -11.60 33.47 -15.58
C LEU B 322 -12.23 34.66 -14.88
N LEU B 323 -11.66 35.85 -15.10
CA LEU B 323 -12.15 37.00 -14.34
C LEU B 323 -13.66 37.19 -14.52
N ASP B 324 -14.18 36.95 -15.73
CA ASP B 324 -15.62 37.12 -15.96
C ASP B 324 -16.43 36.20 -15.05
N ASP B 325 -15.93 34.98 -14.85
CA ASP B 325 -16.59 34.02 -13.96
C ASP B 325 -16.59 34.53 -12.52
N PHE B 326 -15.42 34.95 -12.02
CA PHE B 326 -15.37 35.52 -10.67
C PHE B 326 -16.34 36.70 -10.52
N VAL B 327 -16.39 37.59 -11.52
CA VAL B 327 -17.27 38.74 -11.44
C VAL B 327 -18.73 38.31 -11.38
N GLU B 328 -19.10 37.35 -12.22
CA GLU B 328 -20.45 36.80 -12.14
C GLU B 328 -20.74 36.26 -10.74
N ILE B 329 -19.77 35.57 -10.14
CA ILE B 329 -19.99 34.94 -8.84
C ILE B 329 -20.22 36.01 -7.76
N ILE B 330 -19.33 37.00 -7.68
CA ILE B 330 -19.41 37.97 -6.59
C ILE B 330 -20.62 38.89 -6.76
N LYS B 331 -20.95 39.26 -7.99
CA LYS B 331 -22.11 40.13 -8.19
C LYS B 331 -23.42 39.42 -7.84
N SER B 332 -23.43 38.10 -7.80
CA SER B 332 -24.60 37.30 -7.45
C SER B 332 -24.91 37.29 -5.96
N GLN B 333 -24.00 37.78 -5.12
CA GLN B 333 -24.09 37.64 -3.67
C GLN B 333 -24.92 38.73 -3.02
N ASP B 334 -25.69 38.32 -2.01
CA ASP B 334 -26.39 39.23 -1.12
C ASP B 334 -25.43 39.80 -0.08
N LEU B 335 -25.32 41.14 -0.02
CA LEU B 335 -24.30 41.80 0.79
C LEU B 335 -24.83 42.28 2.14
N SER B 336 -25.90 41.69 2.65
CA SER B 336 -26.56 42.23 3.83
C SER B 336 -26.13 41.58 5.13
N VAL B 337 -25.16 40.66 5.11
CA VAL B 337 -24.72 39.97 6.32
C VAL B 337 -23.23 40.20 6.49
N VAL B 338 -22.79 40.38 7.74
CA VAL B 338 -21.37 40.65 7.97
C VAL B 338 -20.50 39.47 7.53
N SER B 339 -21.00 38.24 7.69
CA SER B 339 -20.20 37.03 7.56
C SER B 339 -21.08 35.90 7.03
N LYS B 340 -20.56 35.12 6.10
CA LYS B 340 -21.41 34.18 5.37
C LYS B 340 -20.52 33.24 4.54
N VAL B 341 -20.78 31.92 4.59
CA VAL B 341 -20.12 30.96 3.69
C VAL B 341 -20.90 30.92 2.39
N VAL B 342 -20.20 30.97 1.26
CA VAL B 342 -20.82 30.95 -0.06
C VAL B 342 -20.26 29.73 -0.79
N LYS B 343 -21.13 28.84 -1.25
CA LYS B 343 -20.69 27.61 -1.89
C LYS B 343 -20.82 27.73 -3.40
N VAL B 344 -19.73 27.42 -4.10
CA VAL B 344 -19.67 27.51 -5.56
C VAL B 344 -19.08 26.21 -6.09
N THR B 345 -19.75 25.61 -7.07
CA THR B 345 -19.22 24.40 -7.70
C THR B 345 -18.18 24.81 -8.74
N ILE B 346 -16.93 24.37 -8.52
CA ILE B 346 -15.75 24.65 -9.36
C ILE B 346 -14.97 23.35 -9.54
N ASP B 347 -14.65 22.99 -10.79
CA ASP B 347 -13.89 21.76 -11.08
C ASP B 347 -14.62 20.55 -10.51
N TYR B 348 -15.97 20.57 -10.58
CA TYR B 348 -16.87 19.55 -10.08
C TYR B 348 -16.93 19.45 -8.54
N THR B 349 -16.25 20.31 -7.78
CA THR B 349 -16.29 20.19 -6.33
C THR B 349 -16.90 21.45 -5.70
N GLU B 350 -17.39 21.32 -4.48
N GLU B 350 -17.36 21.30 -4.46
CA GLU B 350 -18.04 22.45 -3.81
CA GLU B 350 -18.00 22.40 -3.74
C GLU B 350 -16.96 23.26 -3.10
C GLU B 350 -16.89 23.23 -3.11
N ILE B 351 -16.64 24.43 -3.63
CA ILE B 351 -15.65 25.31 -3.00
C ILE B 351 -16.37 26.29 -2.08
N SER B 352 -16.01 26.29 -0.80
CA SER B 352 -16.55 27.27 0.14
C SER B 352 -15.76 28.59 0.08
N PHE B 353 -16.47 29.69 -0.13
CA PHE B 353 -15.88 31.03 -0.07
C PHE B 353 -16.36 31.72 1.21
N MET B 354 -15.49 32.50 1.83
CA MET B 354 -15.92 33.36 2.93
C MET B 354 -16.18 34.76 2.39
N LEU B 355 -17.37 35.27 2.64
CA LEU B 355 -17.77 36.61 2.23
C LEU B 355 -17.93 37.48 3.49
N TRP B 356 -17.21 38.59 3.52
CA TRP B 356 -17.25 39.52 4.64
C TRP B 356 -17.76 40.86 4.12
N CYS B 357 -18.83 41.37 4.72
CA CYS B 357 -19.44 42.60 4.25
C CYS B 357 -19.57 43.59 5.40
N LYS B 358 -19.65 44.87 5.06
CA LYS B 358 -20.01 45.90 6.03
C LYS B 358 -20.80 46.98 5.32
N ASP B 359 -21.94 47.34 5.89
CA ASP B 359 -22.73 48.48 5.40
C ASP B 359 -23.15 48.32 3.94
N GLY B 360 -23.38 47.08 3.52
CA GLY B 360 -23.89 46.83 2.19
C GLY B 360 -22.85 46.79 1.10
N HIS B 361 -21.57 46.81 1.45
CA HIS B 361 -20.53 46.59 0.47
C HIS B 361 -19.61 45.47 0.95
N VAL B 362 -18.92 44.86 0.02
CA VAL B 362 -18.01 43.77 0.33
C VAL B 362 -16.78 44.32 1.02
N GLU B 363 -16.28 43.60 2.03
CA GLU B 363 -14.95 43.87 2.57
C GLU B 363 -13.93 42.90 2.00
N THR B 364 -14.15 41.59 2.15
CA THR B 364 -13.32 40.65 1.43
C THR B 364 -14.14 39.42 1.10
N PHE B 365 -13.53 38.56 0.29
CA PHE B 365 -14.15 37.38 -0.32
C PHE B 365 -12.97 36.52 -0.69
N TYR B 366 -12.86 35.31 -0.10
CA TYR B 366 -11.74 34.44 -0.40
C TYR B 366 -12.18 32.98 -0.39
N PRO B 367 -11.58 32.15 -1.26
CA PRO B 367 -11.86 30.72 -1.22
C PRO B 367 -11.06 30.04 -0.13
N LYS B 368 -11.58 28.90 0.34
CA LYS B 368 -10.94 28.10 1.37
C LYS B 368 -10.47 26.78 0.77
N LEU B 369 -9.37 26.28 1.30
CA LEU B 369 -8.85 25.00 0.87
C LEU B 369 -9.20 23.94 1.91
#